data_3AB3
#
_entry.id   3AB3
#
_cell.length_a   50.481
_cell.length_b   70.640
_cell.length_c   88.078
_cell.angle_alpha   77.77
_cell.angle_beta   84.45
_cell.angle_gamma   80.11
#
_symmetry.space_group_name_H-M   'P 1'
#
loop_
_entity.id
_entity.type
_entity.pdbx_description
1 polymer 'Guanine nucleotide-binding protein G(k) subunit alpha, Guanine nucleotide-binding protein subunit alpha-13'
2 polymer 'Rho guanine nucleotide exchange factor 1'
3 non-polymer 'MAGNESIUM ION'
4 non-polymer "GUANOSINE-5'-DIPHOSPHATE"
5 non-polymer 'TETRAFLUOROALUMINATE ION'
6 water water
#
loop_
_entity_poly.entity_id
_entity_poly.type
_entity_poly.pdbx_seq_one_letter_code
_entity_poly.pdbx_strand_id
1 'polypeptide(L)'
;MGCTLSAEDKAAVERSKMIDRNLREDGERSARLVKILLLGAGESGKSTFLKQMRIIHGQDFDQRAREEFRPTIYSNVIKG
MRVLVDAREKLHIPWGDNKNQLHGDKLMAFDTRAPMAAQGMVETRVFLQYLPAIRALWEDSGIQNAYDRRREFQLGESVK
YFLDNLDKLGVPDYIPSQQDILLARRPTKGIHEYDFEIKNVPFKMVDVGGQRSERKRWFECFDSVTSILFLVSSSEFDQV
LMEDRQTNRLTESLNIFETIVNNRVFSNVSIILFLNKTDLLEEKVQVVSIKDYFLEFEGDPHCLRDVQKFLVECFRGKRR
DQQQRPLYHHFTTAINTENIRLVFRDVKDTILHDNLKQLMLQ
;
A,C
2 'polypeptide(L)'
;GAMGIQCGGILVPMEDFARGAASPGPSRPGLVPVSIIGAEDEDFENELETNSEEQNSQFQSLEQVKRRPAHLMALLQHVA
LQFEPGPLLCCLHADMLGSLGPKEAKKAFLDFYHSFLEKTAVLRVPVPPNVAFELDRTRADLISEDVQRRFVQEVVQSQQ
VAVGRQLEDFRSKRLMGMTPWEQELAQLEAWVGRDRASYEARERHVAERLLMHLEEMQHTISTDEEKSAAVVNAIGLYMR
HLGVRT
;
B,D
#
loop_
_chem_comp.id
_chem_comp.type
_chem_comp.name
_chem_comp.formula
ALF non-polymer 'TETRAFLUOROALUMINATE ION' 'Al F4 -1'
GDP RNA linking GUANOSINE-5'-DIPHOSPHATE 'C10 H15 N5 O11 P2'
MG non-polymer 'MAGNESIUM ION' 'Mg 2'
#
# COMPACT_ATOMS: atom_id res chain seq x y z
N ARG A 32 -8.62 -39.62 21.72
CA ARG A 32 -10.10 -39.81 21.79
C ARG A 32 -10.79 -38.64 22.53
N LEU A 33 -10.02 -37.60 22.81
CA LEU A 33 -10.52 -36.44 23.54
C LEU A 33 -11.07 -35.36 22.62
N VAL A 34 -12.19 -34.76 23.02
CA VAL A 34 -12.78 -33.70 22.23
C VAL A 34 -12.22 -32.38 22.80
N LYS A 35 -11.37 -31.73 22.00
CA LYS A 35 -10.75 -30.48 22.43
C LYS A 35 -11.43 -29.26 21.82
N ILE A 36 -12.12 -28.50 22.68
CA ILE A 36 -12.83 -27.31 22.26
C ILE A 36 -12.19 -25.99 22.71
N LEU A 37 -11.94 -25.13 21.72
CA LEU A 37 -11.37 -23.80 21.93
C LEU A 37 -12.42 -22.72 22.09
N LEU A 38 -12.34 -21.95 23.18
CA LEU A 38 -13.29 -20.82 23.37
C LEU A 38 -12.52 -19.59 22.91
N LEU A 39 -12.83 -19.06 21.73
CA LEU A 39 -12.14 -17.88 21.24
C LEU A 39 -13.09 -16.71 21.07
N GLY A 40 -12.51 -15.52 21.08
CA GLY A 40 -13.28 -14.30 20.95
C GLY A 40 -12.57 -13.11 21.57
N ALA A 41 -13.09 -11.93 21.27
CA ALA A 41 -12.51 -10.68 21.77
C ALA A 41 -12.74 -10.54 23.26
N GLY A 42 -12.08 -9.56 23.87
CA GLY A 42 -12.30 -9.34 25.29
C GLY A 42 -13.77 -9.10 25.64
N GLU A 43 -14.19 -9.65 26.77
CA GLU A 43 -15.57 -9.51 27.27
C GLU A 43 -16.61 -10.09 26.34
N SER A 44 -16.31 -11.17 25.64
CA SER A 44 -17.31 -11.71 24.74
C SER A 44 -18.17 -12.82 25.33
N GLY A 45 -17.88 -13.23 26.56
CA GLY A 45 -18.67 -14.27 27.19
C GLY A 45 -17.99 -15.62 27.29
N LYS A 46 -16.71 -15.69 26.96
CA LYS A 46 -15.96 -16.95 27.00
C LYS A 46 -16.01 -17.67 28.35
N SER A 47 -15.62 -16.99 29.43
CA SER A 47 -15.63 -17.63 30.75
C SER A 47 -17.04 -17.94 31.24
N THR A 48 -17.98 -17.10 30.87
CA THR A 48 -19.35 -17.31 31.29
C THR A 48 -19.88 -18.58 30.63
N PHE A 49 -19.45 -18.83 29.41
CA PHE A 49 -19.88 -20.04 28.72
C PHE A 49 -19.29 -21.24 29.45
N LEU A 50 -18.05 -21.09 29.91
CA LEU A 50 -17.36 -22.16 30.62
C LEU A 50 -17.97 -22.45 32.00
N LYS A 51 -18.59 -21.44 32.62
CA LYS A 51 -19.24 -21.65 33.92
C LYS A 51 -20.57 -22.38 33.73
N GLN A 52 -21.17 -22.20 32.57
CA GLN A 52 -22.43 -22.86 32.28
C GLN A 52 -22.13 -24.34 32.00
N MET A 53 -20.97 -24.63 31.42
CA MET A 53 -20.60 -26.03 31.18
C MET A 53 -20.51 -26.73 32.52
N ARG A 54 -19.87 -26.07 33.48
CA ARG A 54 -19.73 -26.65 34.80
C ARG A 54 -21.09 -26.86 35.44
N ILE A 55 -21.97 -25.87 35.31
CA ILE A 55 -23.31 -25.96 35.86
C ILE A 55 -24.10 -27.09 35.17
N ILE A 56 -24.14 -27.07 33.85
CA ILE A 56 -24.86 -28.09 33.10
C ILE A 56 -24.21 -29.47 33.03
N HIS A 57 -22.93 -29.55 32.69
CA HIS A 57 -22.30 -30.88 32.60
C HIS A 57 -21.23 -31.18 33.62
N GLY A 58 -21.20 -30.46 34.73
CA GLY A 58 -20.19 -30.67 35.75
C GLY A 58 -20.78 -30.62 37.15
N GLN A 59 -19.93 -30.46 38.15
CA GLN A 59 -20.39 -30.44 39.53
C GLN A 59 -21.11 -29.17 39.97
N ASP A 60 -21.26 -28.21 39.07
CA ASP A 60 -21.93 -26.95 39.39
C ASP A 60 -21.13 -26.21 40.48
N PHE A 61 -21.75 -25.21 41.09
CA PHE A 61 -21.13 -24.43 42.14
C PHE A 61 -21.97 -24.40 43.41
N ASP A 62 -21.36 -24.84 44.48
CA ASP A 62 -22.02 -24.88 45.78
C ASP A 62 -21.64 -23.64 46.58
N GLN A 63 -22.31 -23.47 47.71
CA GLN A 63 -22.11 -22.34 48.61
C GLN A 63 -20.63 -21.95 48.75
N ARG A 64 -19.75 -22.94 48.81
CA ARG A 64 -18.32 -22.68 48.94
C ARG A 64 -17.81 -22.05 47.64
N ALA A 65 -18.02 -22.76 46.55
CA ALA A 65 -17.59 -22.33 45.24
C ALA A 65 -18.10 -20.95 44.92
N ARG A 66 -19.37 -20.72 45.20
CA ARG A 66 -19.96 -19.43 44.91
C ARG A 66 -19.43 -18.37 45.85
N GLU A 67 -19.20 -18.74 47.10
CA GLU A 67 -18.71 -17.77 48.07
C GLU A 67 -17.35 -17.19 47.69
N GLU A 68 -16.65 -17.86 46.79
CA GLU A 68 -15.35 -17.40 46.33
C GLU A 68 -15.48 -16.20 45.37
N PHE A 69 -16.66 -16.01 44.81
CA PHE A 69 -16.89 -14.90 43.89
C PHE A 69 -17.23 -13.57 44.58
N ARG A 70 -17.66 -13.62 45.83
CA ARG A 70 -18.02 -12.42 46.57
C ARG A 70 -16.98 -11.28 46.49
N PRO A 71 -15.70 -11.59 46.68
CA PRO A 71 -14.69 -10.54 46.62
C PRO A 71 -14.67 -9.90 45.23
N THR A 72 -14.89 -10.72 44.22
CA THR A 72 -14.88 -10.23 42.85
C THR A 72 -16.07 -9.35 42.58
N ILE A 73 -17.22 -9.77 43.07
CA ILE A 73 -18.46 -9.04 42.89
C ILE A 73 -18.40 -7.66 43.60
N TYR A 74 -17.73 -7.62 44.75
CA TYR A 74 -17.60 -6.37 45.51
C TYR A 74 -16.57 -5.49 44.79
N SER A 75 -15.60 -6.12 44.18
CA SER A 75 -14.59 -5.36 43.45
C SER A 75 -15.30 -4.75 42.25
N ASN A 76 -16.21 -5.53 41.66
CA ASN A 76 -16.95 -5.08 40.49
C ASN A 76 -17.76 -3.82 40.83
N VAL A 77 -18.56 -3.91 41.89
CA VAL A 77 -19.36 -2.77 42.30
C VAL A 77 -18.50 -1.55 42.59
N ILE A 78 -17.58 -1.64 43.54
CA ILE A 78 -16.76 -0.48 43.87
C ILE A 78 -16.08 0.14 42.66
N LYS A 79 -15.34 -0.64 41.89
CA LYS A 79 -14.62 -0.10 40.72
C LYS A 79 -15.55 0.48 39.66
N GLY A 80 -16.74 -0.10 39.51
CA GLY A 80 -17.68 0.41 38.54
C GLY A 80 -18.29 1.72 38.99
N MET A 81 -18.66 1.82 40.26
CA MET A 81 -19.20 3.06 40.75
C MET A 81 -18.17 4.18 40.58
N ARG A 82 -16.92 3.87 40.86
CA ARG A 82 -15.84 4.85 40.73
C ARG A 82 -15.69 5.37 39.30
N VAL A 83 -16.04 4.53 38.33
CA VAL A 83 -16.01 4.92 36.92
C VAL A 83 -17.22 5.85 36.65
N LEU A 84 -18.36 5.49 37.20
CA LEU A 84 -19.56 6.27 37.03
C LEU A 84 -19.31 7.68 37.61
N VAL A 85 -18.76 7.72 38.82
CA VAL A 85 -18.45 8.98 39.50
C VAL A 85 -17.44 9.82 38.74
N ASP A 86 -16.42 9.17 38.17
CA ASP A 86 -15.40 9.89 37.43
C ASP A 86 -15.96 10.41 36.12
N ALA A 87 -16.91 9.66 35.54
CA ALA A 87 -17.52 10.03 34.27
C ALA A 87 -18.51 11.18 34.44
N ARG A 88 -19.16 11.23 35.60
CA ARG A 88 -20.10 12.31 35.88
C ARG A 88 -19.32 13.62 35.85
N GLU A 89 -18.18 13.64 36.51
CA GLU A 89 -17.35 14.82 36.56
C GLU A 89 -16.76 15.22 35.21
N LYS A 90 -16.15 14.25 34.52
CA LYS A 90 -15.51 14.56 33.25
C LYS A 90 -16.44 14.83 32.07
N LEU A 91 -17.69 14.39 32.19
CA LEU A 91 -18.66 14.59 31.11
C LEU A 91 -19.49 15.83 31.36
N HIS A 92 -19.37 16.38 32.56
CA HIS A 92 -20.08 17.59 32.97
C HIS A 92 -21.57 17.38 33.09
N ILE A 93 -21.92 16.35 33.86
CA ILE A 93 -23.30 15.99 34.11
C ILE A 93 -23.60 16.48 35.53
N PRO A 94 -24.58 17.37 35.68
CA PRO A 94 -24.92 17.89 37.00
C PRO A 94 -25.30 16.76 37.94
N TRP A 95 -24.95 16.92 39.20
CA TRP A 95 -25.31 15.93 40.20
C TRP A 95 -26.81 15.96 40.26
N GLY A 96 -27.40 14.91 40.77
CA GLY A 96 -28.83 14.90 40.94
C GLY A 96 -28.98 15.67 42.25
N ASP A 97 -28.00 15.46 43.13
CA ASP A 97 -27.95 16.11 44.44
C ASP A 97 -26.50 16.42 44.81
N ASN A 98 -26.15 17.71 44.79
CA ASN A 98 -24.79 18.19 45.09
C ASN A 98 -24.17 17.61 46.37
N LYS A 99 -24.99 17.25 47.34
CA LYS A 99 -24.44 16.69 48.57
C LYS A 99 -23.69 15.39 48.29
N ASN A 100 -24.08 14.69 47.22
CA ASN A 100 -23.43 13.44 46.85
C ASN A 100 -21.99 13.66 46.39
N GLN A 101 -21.57 14.91 46.21
CA GLN A 101 -20.20 15.19 45.81
C GLN A 101 -19.23 14.65 46.87
N LEU A 102 -19.73 14.53 48.10
CA LEU A 102 -18.92 14.04 49.20
C LEU A 102 -18.63 12.55 49.06
N HIS A 103 -19.69 11.77 48.81
CA HIS A 103 -19.55 10.33 48.61
C HIS A 103 -18.75 10.08 47.33
N GLY A 104 -19.04 10.84 46.29
CA GLY A 104 -18.30 10.67 45.05
C GLY A 104 -16.84 10.73 45.39
N ASP A 105 -16.47 11.68 46.26
CA ASP A 105 -15.08 11.85 46.68
C ASP A 105 -14.59 10.69 47.55
N LYS A 106 -15.41 10.24 48.49
CA LYS A 106 -15.02 9.12 49.34
C LYS A 106 -14.81 7.90 48.45
N LEU A 107 -15.38 7.95 47.25
CA LEU A 107 -15.23 6.85 46.31
C LEU A 107 -13.96 6.95 45.47
N MET A 108 -13.65 8.15 44.97
CA MET A 108 -12.44 8.31 44.17
C MET A 108 -11.24 8.20 45.09
N ALA A 109 -11.50 8.02 46.38
CA ALA A 109 -10.40 7.91 47.35
C ALA A 109 -9.96 6.45 47.50
N PHE A 110 -10.85 5.53 47.13
CA PHE A 110 -10.57 4.10 47.19
C PHE A 110 -9.29 3.81 46.39
N ASP A 111 -8.31 3.18 47.02
CA ASP A 111 -7.06 2.86 46.35
C ASP A 111 -7.16 1.53 45.58
N THR A 112 -7.49 1.63 44.30
CA THR A 112 -7.62 0.44 43.46
C THR A 112 -6.26 -0.20 43.14
N ARG A 113 -5.19 0.38 43.67
CA ARG A 113 -3.84 -0.14 43.43
C ARG A 113 -3.28 -0.83 44.66
N ALA A 114 -4.02 -0.78 45.77
CA ALA A 114 -3.60 -1.47 46.97
C ALA A 114 -3.54 -2.96 46.56
N PRO A 115 -2.70 -3.75 47.23
CA PRO A 115 -2.51 -5.19 46.96
C PRO A 115 -3.75 -6.06 46.73
N MET A 116 -4.76 -5.90 47.58
CA MET A 116 -5.97 -6.71 47.47
C MET A 116 -6.84 -6.23 46.29
N ALA A 117 -7.22 -4.95 46.30
CA ALA A 117 -8.04 -4.42 45.23
C ALA A 117 -7.41 -4.58 43.83
N ALA A 118 -6.08 -4.58 43.76
CA ALA A 118 -5.38 -4.72 42.49
C ALA A 118 -5.58 -6.12 41.93
N GLN A 119 -6.01 -7.05 42.77
CA GLN A 119 -6.27 -8.40 42.27
C GLN A 119 -7.79 -8.55 42.10
N GLY A 120 -8.49 -7.42 41.97
CA GLY A 120 -9.93 -7.46 41.81
C GLY A 120 -10.65 -8.10 43.00
N MET A 121 -10.10 -7.94 44.19
CA MET A 121 -10.71 -8.49 45.39
C MET A 121 -10.89 -7.39 46.45
N VAL A 122 -12.04 -7.41 47.09
CA VAL A 122 -12.35 -6.46 48.13
C VAL A 122 -12.93 -7.27 49.26
N GLU A 123 -12.52 -6.98 50.49
CA GLU A 123 -13.03 -7.71 51.66
C GLU A 123 -14.43 -7.23 51.99
N THR A 124 -15.22 -8.11 52.59
CA THR A 124 -16.58 -7.75 52.93
C THR A 124 -16.70 -6.51 53.81
N ARG A 125 -16.03 -6.49 54.96
CA ARG A 125 -16.15 -5.33 55.83
C ARG A 125 -15.70 -4.00 55.20
N VAL A 126 -14.87 -4.06 54.16
CA VAL A 126 -14.44 -2.85 53.47
C VAL A 126 -15.65 -2.44 52.61
N PHE A 127 -16.25 -3.46 51.97
CA PHE A 127 -17.41 -3.27 51.10
C PHE A 127 -18.56 -2.60 51.85
N LEU A 128 -18.82 -3.04 53.08
CA LEU A 128 -19.90 -2.47 53.88
C LEU A 128 -19.61 -1.02 54.28
N GLN A 129 -18.34 -0.68 54.47
CA GLN A 129 -17.98 0.69 54.82
C GLN A 129 -18.35 1.70 53.72
N TYR A 130 -18.33 1.25 52.46
CA TYR A 130 -18.65 2.09 51.28
C TYR A 130 -20.07 1.90 50.77
N LEU A 131 -20.76 0.88 51.25
CA LEU A 131 -22.11 0.64 50.80
C LEU A 131 -22.95 1.91 50.85
N PRO A 132 -23.02 2.59 52.00
CA PRO A 132 -23.83 3.80 52.05
C PRO A 132 -23.47 4.84 50.98
N ALA A 133 -22.20 5.10 50.77
CA ALA A 133 -21.85 6.08 49.75
C ALA A 133 -22.25 5.60 48.35
N ILE A 134 -22.13 4.30 48.12
CA ILE A 134 -22.45 3.72 46.83
C ILE A 134 -23.95 3.69 46.55
N ARG A 135 -24.73 3.23 47.53
CA ARG A 135 -26.19 3.14 47.37
C ARG A 135 -26.77 4.53 47.09
N ALA A 136 -26.28 5.56 47.78
CA ALA A 136 -26.76 6.91 47.53
C ALA A 136 -26.36 7.33 46.12
N LEU A 137 -25.11 7.07 45.76
CA LEU A 137 -24.61 7.42 44.42
C LEU A 137 -25.47 6.82 43.29
N TRP A 138 -25.80 5.54 43.43
CA TRP A 138 -26.61 4.86 42.41
C TRP A 138 -28.01 5.49 42.30
N GLU A 139 -28.50 6.10 43.37
CA GLU A 139 -29.81 6.73 43.32
C GLU A 139 -29.74 8.14 42.74
N ASP A 140 -28.54 8.68 42.63
CA ASP A 140 -28.38 10.00 42.06
C ASP A 140 -28.66 9.95 40.55
N SER A 141 -29.59 10.80 40.12
CA SER A 141 -29.99 10.84 38.73
C SER A 141 -28.84 11.19 37.81
N GLY A 142 -27.83 11.86 38.35
CA GLY A 142 -26.70 12.26 37.53
C GLY A 142 -25.79 11.06 37.27
N ILE A 143 -25.78 10.11 38.19
CA ILE A 143 -24.94 8.92 38.02
C ILE A 143 -25.65 8.03 37.01
N GLN A 144 -26.98 8.04 37.05
CA GLN A 144 -27.79 7.26 36.13
C GLN A 144 -27.58 7.79 34.71
N ASN A 145 -27.34 9.09 34.57
CA ASN A 145 -27.10 9.69 33.27
C ASN A 145 -25.76 9.26 32.71
N ALA A 146 -24.74 9.18 33.57
CA ALA A 146 -23.42 8.77 33.11
C ALA A 146 -23.57 7.33 32.60
N TYR A 147 -24.24 6.50 33.39
CA TYR A 147 -24.46 5.12 33.01
C TYR A 147 -25.04 4.98 31.59
N ASP A 148 -26.12 5.71 31.31
CA ASP A 148 -26.77 5.67 29.99
C ASP A 148 -25.78 5.97 28.87
N ARG A 149 -24.73 6.72 29.18
CA ARG A 149 -23.72 7.09 28.18
C ARG A 149 -22.43 6.27 28.32
N ARG A 150 -22.53 5.07 28.89
CA ARG A 150 -21.33 4.25 29.08
C ARG A 150 -20.51 4.00 27.81
N ARG A 151 -21.14 4.02 26.64
CA ARG A 151 -20.42 3.79 25.39
C ARG A 151 -19.32 4.84 25.18
N GLU A 152 -19.31 5.89 25.99
CA GLU A 152 -18.29 6.94 25.85
C GLU A 152 -17.06 6.62 26.69
N PHE A 153 -17.22 5.73 27.65
CA PHE A 153 -16.09 5.30 28.49
C PHE A 153 -16.04 3.77 28.55
N GLN A 154 -15.58 3.19 29.65
CA GLN A 154 -15.49 1.73 29.74
C GLN A 154 -16.17 1.12 30.96
N LEU A 155 -17.26 0.41 30.74
CA LEU A 155 -17.96 -0.21 31.85
C LEU A 155 -18.67 -1.50 31.44
N GLY A 156 -18.79 -2.43 32.38
CA GLY A 156 -19.47 -3.68 32.08
C GLY A 156 -20.93 -3.54 32.45
N GLU A 157 -21.83 -4.02 31.62
CA GLU A 157 -23.25 -3.89 31.94
C GLU A 157 -23.60 -4.55 33.28
N SER A 158 -22.83 -5.56 33.67
CA SER A 158 -23.10 -6.26 34.91
C SER A 158 -23.07 -5.42 36.20
N VAL A 159 -22.33 -4.31 36.22
CA VAL A 159 -22.30 -3.48 37.42
C VAL A 159 -23.72 -3.05 37.76
N LYS A 160 -24.49 -2.65 36.76
CA LYS A 160 -25.89 -2.26 37.01
C LYS A 160 -26.70 -3.41 37.65
N TYR A 161 -26.50 -4.63 37.16
CA TYR A 161 -27.22 -5.75 37.74
C TYR A 161 -26.94 -5.77 39.27
N PHE A 162 -25.67 -5.72 39.62
CA PHE A 162 -25.26 -5.71 41.00
C PHE A 162 -25.64 -4.42 41.75
N LEU A 163 -25.58 -3.29 41.06
CA LEU A 163 -25.96 -2.04 41.71
C LEU A 163 -27.45 -2.12 42.05
N ASP A 164 -28.25 -2.72 41.18
CA ASP A 164 -29.68 -2.83 41.46
C ASP A 164 -29.99 -3.84 42.55
N ASN A 165 -28.98 -4.58 43.00
CA ASN A 165 -29.18 -5.60 44.02
C ASN A 165 -28.37 -5.37 45.29
N LEU A 166 -28.00 -4.12 45.56
CA LEU A 166 -27.21 -3.83 46.75
C LEU A 166 -27.85 -4.33 48.03
N ASP A 167 -29.17 -4.35 48.09
CA ASP A 167 -29.82 -4.81 49.30
C ASP A 167 -29.51 -6.28 49.64
N LYS A 168 -29.13 -7.07 48.65
CA LYS A 168 -28.81 -8.46 48.92
C LYS A 168 -27.31 -8.64 49.11
N LEU A 169 -26.51 -7.72 48.57
CA LEU A 169 -25.06 -7.80 48.75
C LEU A 169 -24.73 -7.12 50.07
N GLY A 170 -25.68 -6.31 50.55
CA GLY A 170 -25.50 -5.60 51.81
C GLY A 170 -25.62 -6.52 53.02
N VAL A 171 -26.43 -7.56 52.88
CA VAL A 171 -26.60 -8.51 53.98
C VAL A 171 -25.23 -9.03 54.40
N PRO A 172 -24.93 -9.02 55.71
CA PRO A 172 -23.65 -9.50 56.24
C PRO A 172 -23.32 -10.93 55.85
N ASP A 173 -24.35 -11.76 55.72
CA ASP A 173 -24.18 -13.16 55.37
C ASP A 173 -24.33 -13.41 53.86
N TYR A 174 -24.09 -12.37 53.06
CA TYR A 174 -24.24 -12.48 51.61
C TYR A 174 -23.49 -13.61 50.91
N ILE A 175 -24.25 -14.45 50.22
CA ILE A 175 -23.68 -15.55 49.44
C ILE A 175 -24.22 -15.44 48.02
N PRO A 176 -23.33 -15.17 47.07
CA PRO A 176 -23.64 -15.02 45.64
C PRO A 176 -24.48 -16.15 45.08
N SER A 177 -25.61 -15.78 44.48
CA SER A 177 -26.47 -16.78 43.88
C SER A 177 -25.74 -17.27 42.62
N GLN A 178 -26.28 -18.32 42.00
CA GLN A 178 -25.70 -18.86 40.78
C GLN A 178 -25.73 -17.77 39.72
N GLN A 179 -26.79 -16.98 39.75
CA GLN A 179 -26.95 -15.91 38.79
C GLN A 179 -25.84 -14.87 38.96
N ASP A 180 -25.49 -14.55 40.20
CA ASP A 180 -24.44 -13.56 40.50
C ASP A 180 -23.09 -14.07 40.05
N ILE A 181 -22.89 -15.39 40.17
CA ILE A 181 -21.65 -16.04 39.76
C ILE A 181 -21.42 -15.90 38.24
N LEU A 182 -22.48 -16.06 37.46
CA LEU A 182 -22.38 -15.93 36.01
C LEU A 182 -22.17 -14.46 35.62
N LEU A 183 -22.69 -13.53 36.41
CA LEU A 183 -22.54 -12.11 36.11
C LEU A 183 -21.21 -11.52 36.66
N ALA A 184 -20.68 -12.11 37.73
CA ALA A 184 -19.39 -11.64 38.25
C ALA A 184 -18.46 -11.46 37.07
N ARG A 185 -17.61 -10.43 37.13
CA ARG A 185 -16.67 -10.13 36.06
C ARG A 185 -15.23 -10.21 36.48
N ARG A 186 -14.52 -11.18 35.90
CA ARG A 186 -13.10 -11.32 36.19
C ARG A 186 -12.32 -11.52 34.92
N PRO A 187 -11.55 -10.51 34.51
CA PRO A 187 -10.75 -10.62 33.29
C PRO A 187 -9.89 -11.87 33.30
N THR A 188 -9.95 -12.68 32.26
CA THR A 188 -9.13 -13.86 32.19
C THR A 188 -7.77 -13.54 31.60
N LYS A 189 -6.74 -14.16 32.15
CA LYS A 189 -5.40 -13.97 31.63
C LYS A 189 -4.76 -15.36 31.55
N GLY A 190 -4.06 -15.63 30.45
CA GLY A 190 -3.42 -16.93 30.30
C GLY A 190 -4.33 -17.98 29.69
N ILE A 191 -3.90 -19.25 29.77
CA ILE A 191 -4.64 -20.38 29.20
C ILE A 191 -5.13 -21.30 30.29
N HIS A 192 -6.42 -21.65 30.25
CA HIS A 192 -7.01 -22.55 31.24
C HIS A 192 -7.77 -23.70 30.54
N GLU A 193 -7.64 -24.90 31.08
CA GLU A 193 -8.29 -26.07 30.50
C GLU A 193 -9.30 -26.67 31.46
N TYR A 194 -10.46 -27.03 30.95
CA TYR A 194 -11.48 -27.62 31.79
C TYR A 194 -11.99 -28.92 31.16
N ASP A 195 -11.59 -30.03 31.76
CA ASP A 195 -11.98 -31.35 31.31
C ASP A 195 -13.26 -31.80 31.98
N PHE A 196 -14.19 -32.28 31.18
CA PHE A 196 -15.44 -32.79 31.70
C PHE A 196 -15.94 -33.91 30.81
N GLU A 197 -17.10 -34.46 31.14
CA GLU A 197 -17.64 -35.55 30.34
C GLU A 197 -19.12 -35.48 30.10
N ILE A 198 -19.50 -36.01 28.94
CA ILE A 198 -20.88 -36.07 28.53
C ILE A 198 -21.08 -37.43 27.86
N LYS A 199 -21.35 -38.43 28.69
CA LYS A 199 -21.59 -39.80 28.21
C LYS A 199 -20.38 -40.45 27.57
N ASN A 200 -19.40 -40.83 28.39
CA ASN A 200 -18.18 -41.48 27.92
C ASN A 200 -17.31 -40.63 26.99
N VAL A 201 -17.88 -39.58 26.41
CA VAL A 201 -17.11 -38.71 25.53
C VAL A 201 -16.26 -37.78 26.38
N PRO A 202 -14.95 -37.76 26.16
CA PRO A 202 -14.01 -36.90 26.90
C PRO A 202 -13.92 -35.48 26.30
N PHE A 203 -14.17 -34.45 27.10
CA PHE A 203 -14.09 -33.05 26.62
C PHE A 203 -13.06 -32.22 27.38
N LYS A 204 -12.22 -31.52 26.63
CA LYS A 204 -11.23 -30.64 27.21
C LYS A 204 -11.56 -29.25 26.67
N MET A 205 -11.98 -28.34 27.53
CA MET A 205 -12.34 -27.01 27.06
C MET A 205 -11.29 -25.93 27.41
N VAL A 206 -10.76 -25.28 26.39
CA VAL A 206 -9.74 -24.27 26.58
C VAL A 206 -10.27 -22.83 26.61
N ASP A 207 -10.03 -22.15 27.72
CA ASP A 207 -10.47 -20.76 27.92
C ASP A 207 -9.27 -19.80 27.85
N VAL A 208 -9.31 -18.83 26.96
CA VAL A 208 -8.20 -17.88 26.85
C VAL A 208 -8.66 -16.44 27.05
N GLY A 209 -7.69 -15.53 27.12
CA GLY A 209 -8.02 -14.13 27.27
C GLY A 209 -8.23 -13.53 25.89
N GLY A 210 -9.10 -12.54 25.82
CA GLY A 210 -9.41 -11.90 24.55
C GLY A 210 -8.78 -10.57 24.24
N GLN A 211 -8.18 -9.92 25.22
CA GLN A 211 -7.51 -8.64 24.95
C GLN A 211 -6.41 -8.88 23.92
N ARG A 212 -5.99 -7.83 23.22
CA ARG A 212 -4.95 -7.97 22.22
C ARG A 212 -3.68 -8.58 22.80
N SER A 213 -3.39 -8.26 24.06
CA SER A 213 -2.18 -8.78 24.68
C SER A 213 -2.31 -10.27 25.02
N GLU A 214 -3.53 -10.73 25.32
CA GLU A 214 -3.72 -12.14 25.65
C GLU A 214 -3.70 -13.05 24.41
N ARG A 215 -4.09 -12.50 23.27
CA ARG A 215 -4.12 -13.24 22.01
C ARG A 215 -2.79 -13.79 21.56
N LYS A 216 -1.72 -13.14 21.98
CA LYS A 216 -0.39 -13.58 21.60
C LYS A 216 -0.15 -14.96 22.14
N ARG A 217 -1.04 -15.42 23.01
CA ARG A 217 -0.88 -16.72 23.63
C ARG A 217 -1.72 -17.81 22.97
N TRP A 218 -2.78 -17.40 22.28
CA TRP A 218 -3.64 -18.37 21.61
C TRP A 218 -2.90 -19.50 20.85
N PHE A 219 -1.92 -19.15 20.04
CA PHE A 219 -1.19 -20.12 19.25
C PHE A 219 -0.63 -21.31 20.02
N GLU A 220 -0.51 -21.18 21.34
CA GLU A 220 0.01 -22.26 22.19
C GLU A 220 -1.02 -23.34 22.51
N CYS A 221 -2.19 -23.27 21.90
CA CYS A 221 -3.22 -24.27 22.17
C CYS A 221 -4.01 -24.63 20.91
N PHE A 222 -3.42 -24.33 19.75
CA PHE A 222 -4.03 -24.57 18.45
C PHE A 222 -4.02 -26.02 17.90
N ASP A 223 -3.11 -26.86 18.39
CA ASP A 223 -3.00 -28.23 17.88
C ASP A 223 -3.98 -29.26 18.44
N SER A 224 -4.33 -30.22 17.58
CA SER A 224 -5.22 -31.32 17.96
C SER A 224 -6.58 -30.80 18.39
N VAL A 225 -6.94 -29.65 17.84
CA VAL A 225 -8.21 -29.05 18.17
C VAL A 225 -9.32 -29.71 17.39
N THR A 226 -10.45 -29.91 18.06
CA THR A 226 -11.61 -30.53 17.45
C THR A 226 -12.54 -29.44 16.90
N SER A 227 -12.75 -28.42 17.71
CA SER A 227 -13.65 -27.36 17.32
C SER A 227 -13.35 -26.04 18.03
N ILE A 228 -13.81 -24.96 17.41
CA ILE A 228 -13.66 -23.62 17.94
C ILE A 228 -15.03 -23.00 18.14
N LEU A 229 -15.34 -22.62 19.38
CA LEU A 229 -16.59 -21.92 19.65
C LEU A 229 -16.15 -20.44 19.66
N PHE A 230 -16.65 -19.64 18.72
CA PHE A 230 -16.24 -18.24 18.65
C PHE A 230 -17.27 -17.27 19.20
N LEU A 231 -17.00 -16.71 20.37
CA LEU A 231 -17.95 -15.80 21.00
C LEU A 231 -17.82 -14.34 20.57
N VAL A 232 -18.97 -13.73 20.35
CA VAL A 232 -19.04 -12.36 19.92
C VAL A 232 -20.16 -11.69 20.69
N SER A 233 -19.88 -10.55 21.31
CA SER A 233 -20.94 -9.85 22.03
C SER A 233 -21.73 -9.15 20.92
N SER A 234 -22.92 -9.64 20.61
CA SER A 234 -23.67 -9.00 19.54
C SER A 234 -24.10 -7.57 19.90
N SER A 235 -24.06 -7.23 21.18
CA SER A 235 -24.48 -5.89 21.57
C SER A 235 -23.42 -4.78 21.61
N GLU A 236 -22.18 -5.04 21.26
CA GLU A 236 -21.19 -3.95 21.37
C GLU A 236 -20.85 -3.20 20.08
N PHE A 237 -21.84 -3.04 19.20
CA PHE A 237 -21.64 -2.32 17.95
C PHE A 237 -21.52 -0.80 18.19
N ASP A 238 -21.93 -0.32 19.35
CA ASP A 238 -21.83 1.12 19.60
C ASP A 238 -20.70 1.41 20.60
N GLN A 239 -19.78 0.45 20.72
CA GLN A 239 -18.66 0.54 21.66
C GLN A 239 -17.28 0.41 21.04
N VAL A 240 -16.29 0.96 21.71
CA VAL A 240 -14.92 0.86 21.23
C VAL A 240 -14.12 0.03 22.21
N LEU A 241 -12.96 -0.44 21.74
CA LEU A 241 -12.05 -1.28 22.52
C LEU A 241 -11.45 -0.61 23.74
N MET A 242 -11.08 -1.45 24.71
CA MET A 242 -10.44 -1.02 25.94
C MET A 242 -8.96 -0.79 25.63
N GLU A 243 -8.44 -1.50 24.64
CA GLU A 243 -7.03 -1.39 24.27
C GLU A 243 -6.61 -0.07 23.66
N ASP A 244 -7.52 0.60 22.95
CA ASP A 244 -7.18 1.86 22.33
C ASP A 244 -8.26 2.93 22.38
N ARG A 245 -9.45 2.58 22.86
CA ARG A 245 -10.55 3.54 22.97
C ARG A 245 -10.92 4.15 21.63
N GLN A 246 -10.53 3.51 20.55
CA GLN A 246 -10.83 4.04 19.22
C GLN A 246 -11.45 3.02 18.27
N THR A 247 -10.95 1.80 18.29
CA THR A 247 -11.47 0.79 17.41
C THR A 247 -12.84 0.29 17.86
N ASN A 248 -13.76 0.21 16.91
CA ASN A 248 -15.10 -0.28 17.15
C ASN A 248 -15.01 -1.74 17.61
N ARG A 249 -15.73 -2.09 18.68
CA ARG A 249 -15.71 -3.44 19.21
C ARG A 249 -16.18 -4.56 18.29
N LEU A 250 -17.22 -4.31 17.48
CA LEU A 250 -17.69 -5.31 16.53
C LEU A 250 -16.67 -5.45 15.40
N THR A 251 -16.13 -4.31 14.96
CA THR A 251 -15.12 -4.31 13.91
C THR A 251 -13.93 -5.19 14.33
N GLU A 252 -13.55 -5.13 15.61
CA GLU A 252 -12.41 -5.94 16.08
C GLU A 252 -12.70 -7.45 16.01
N SER A 253 -13.92 -7.86 16.41
CA SER A 253 -14.30 -9.27 16.36
C SER A 253 -14.26 -9.81 14.94
N LEU A 254 -14.86 -9.05 14.03
CA LEU A 254 -14.90 -9.41 12.64
C LEU A 254 -13.48 -9.72 12.17
N ASN A 255 -12.52 -8.89 12.57
CA ASN A 255 -11.12 -9.05 12.17
C ASN A 255 -10.38 -10.21 12.84
N ILE A 256 -10.75 -10.51 14.08
CA ILE A 256 -10.16 -11.63 14.80
C ILE A 256 -10.73 -12.89 14.13
N PHE A 257 -12.05 -12.89 13.94
CA PHE A 257 -12.71 -14.02 13.30
C PHE A 257 -12.09 -14.26 11.92
N GLU A 258 -11.83 -13.19 11.18
CA GLU A 258 -11.26 -13.34 9.85
C GLU A 258 -9.91 -14.09 9.85
N THR A 259 -9.04 -13.79 10.82
CA THR A 259 -7.73 -14.45 10.86
C THR A 259 -7.83 -15.90 11.31
N ILE A 260 -8.88 -16.17 12.07
CA ILE A 260 -9.08 -17.48 12.60
C ILE A 260 -9.81 -18.42 11.68
N VAL A 261 -10.89 -17.94 11.08
CA VAL A 261 -11.66 -18.76 10.16
C VAL A 261 -10.88 -19.01 8.85
N ASN A 262 -9.77 -18.32 8.67
CA ASN A 262 -8.98 -18.51 7.46
C ASN A 262 -7.60 -19.10 7.68
N ASN A 263 -7.35 -19.60 8.88
CA ASN A 263 -6.06 -20.20 9.21
C ASN A 263 -6.17 -21.66 8.77
N ARG A 264 -5.26 -22.12 7.91
CA ARG A 264 -5.31 -23.48 7.45
C ARG A 264 -5.19 -24.49 8.56
N VAL A 265 -4.66 -24.07 9.69
CA VAL A 265 -4.52 -24.97 10.82
C VAL A 265 -5.89 -25.41 11.34
N PHE A 266 -6.92 -24.75 10.85
CA PHE A 266 -8.28 -25.05 11.28
C PHE A 266 -9.18 -25.51 10.16
N SER A 267 -8.62 -25.71 8.97
CA SER A 267 -9.36 -26.16 7.80
C SER A 267 -10.21 -27.41 8.03
N ASN A 268 -9.75 -28.30 8.91
CA ASN A 268 -10.47 -29.53 9.25
C ASN A 268 -10.92 -29.47 10.71
N VAL A 269 -11.41 -28.30 11.11
CA VAL A 269 -11.88 -28.07 12.46
C VAL A 269 -13.20 -27.33 12.34
N SER A 270 -14.25 -27.81 12.99
CA SER A 270 -15.52 -27.09 12.87
C SER A 270 -15.45 -25.77 13.64
N ILE A 271 -16.02 -24.73 13.05
CA ILE A 271 -16.04 -23.43 13.68
C ILE A 271 -17.47 -22.96 13.82
N ILE A 272 -17.91 -22.78 15.06
CA ILE A 272 -19.27 -22.37 15.40
C ILE A 272 -19.30 -20.93 15.93
N LEU A 273 -20.16 -20.09 15.38
CA LEU A 273 -20.25 -18.70 15.82
C LEU A 273 -21.35 -18.46 16.87
N PHE A 274 -20.97 -17.85 17.98
CA PHE A 274 -21.95 -17.54 19.02
C PHE A 274 -22.15 -16.04 19.14
N LEU A 275 -23.23 -15.53 18.56
CA LEU A 275 -23.54 -14.11 18.66
C LEU A 275 -24.16 -13.99 20.03
N ASN A 276 -23.33 -13.74 21.03
CA ASN A 276 -23.78 -13.72 22.41
C ASN A 276 -24.40 -12.40 22.91
N LYS A 277 -24.76 -12.35 24.20
CA LYS A 277 -25.38 -11.14 24.78
C LYS A 277 -26.63 -10.69 24.01
N THR A 278 -27.29 -11.66 23.39
CA THR A 278 -28.50 -11.41 22.60
C THR A 278 -29.51 -10.61 23.43
N ASP A 279 -29.56 -10.88 24.72
CA ASP A 279 -30.47 -10.19 25.61
C ASP A 279 -30.10 -8.69 25.64
N LEU A 280 -28.82 -8.38 25.64
CA LEU A 280 -28.38 -6.98 25.64
C LEU A 280 -28.60 -6.31 24.30
N LEU A 281 -28.62 -7.12 23.23
CA LEU A 281 -28.84 -6.58 21.88
C LEU A 281 -30.31 -6.21 21.69
N GLU A 282 -31.18 -7.00 22.33
CA GLU A 282 -32.62 -6.77 22.25
C GLU A 282 -32.94 -5.41 22.88
N GLU A 283 -32.33 -5.14 24.02
CA GLU A 283 -32.53 -3.88 24.69
C GLU A 283 -31.92 -2.75 23.85
N LYS A 284 -30.70 -2.95 23.36
CA LYS A 284 -30.02 -1.91 22.61
C LYS A 284 -30.60 -1.48 21.25
N VAL A 285 -31.09 -2.41 20.44
CA VAL A 285 -31.62 -2.01 19.14
C VAL A 285 -32.84 -1.11 19.24
N GLN A 286 -33.32 -0.87 20.45
CA GLN A 286 -34.46 0.01 20.68
C GLN A 286 -34.01 1.45 20.88
N VAL A 287 -32.84 1.61 21.46
CA VAL A 287 -32.36 2.94 21.76
C VAL A 287 -31.23 3.47 20.90
N VAL A 288 -30.52 2.57 20.24
CA VAL A 288 -29.41 2.97 19.37
C VAL A 288 -29.53 2.32 18.02
N SER A 289 -29.19 3.04 16.96
CA SER A 289 -29.25 2.47 15.62
C SER A 289 -27.86 2.03 15.19
N ILE A 290 -27.74 0.77 14.80
CA ILE A 290 -26.47 0.22 14.34
C ILE A 290 -26.09 0.89 13.04
N LYS A 291 -27.10 1.47 12.37
CA LYS A 291 -26.84 2.15 11.12
C LYS A 291 -25.88 3.32 11.34
N ASP A 292 -25.90 3.90 12.54
CA ASP A 292 -25.02 5.01 12.89
C ASP A 292 -23.57 4.61 13.05
N TYR A 293 -23.30 3.30 13.00
CA TYR A 293 -21.93 2.79 13.16
C TYR A 293 -21.44 2.04 11.94
N PHE A 294 -22.34 1.29 11.29
CA PHE A 294 -22.02 0.55 10.06
C PHE A 294 -22.97 1.05 8.97
N LEU A 295 -22.46 1.93 8.12
CA LEU A 295 -23.29 2.50 7.07
C LEU A 295 -23.57 1.47 5.98
N GLU A 296 -22.88 0.33 6.04
CA GLU A 296 -23.07 -0.72 5.05
C GLU A 296 -24.25 -1.57 5.45
N PHE A 297 -25.03 -1.10 6.42
CA PHE A 297 -26.21 -1.80 6.92
C PHE A 297 -27.46 -1.30 6.20
N GLU A 298 -28.46 -2.18 6.09
CA GLU A 298 -29.71 -1.84 5.45
C GLU A 298 -30.83 -2.57 6.17
N GLY A 299 -32.02 -1.97 6.20
CA GLY A 299 -33.16 -2.55 6.89
C GLY A 299 -33.50 -1.76 8.15
N ASP A 300 -34.47 -2.24 8.93
CA ASP A 300 -34.88 -1.56 10.15
C ASP A 300 -33.90 -1.76 11.31
N PRO A 301 -33.09 -0.73 11.62
CA PRO A 301 -32.07 -0.73 12.68
C PRO A 301 -32.66 -0.94 14.07
N HIS A 302 -33.97 -0.80 14.19
CA HIS A 302 -34.59 -0.97 15.49
C HIS A 302 -35.32 -2.28 15.55
N CYS A 303 -35.05 -3.13 14.57
CA CYS A 303 -35.64 -4.46 14.48
C CYS A 303 -34.55 -5.49 14.81
N LEU A 304 -34.68 -6.19 15.94
CA LEU A 304 -33.67 -7.17 16.35
C LEU A 304 -33.33 -8.21 15.29
N ARG A 305 -34.32 -8.61 14.51
CA ARG A 305 -34.14 -9.62 13.47
C ARG A 305 -33.23 -9.14 12.34
N ASP A 306 -33.40 -7.89 11.94
CA ASP A 306 -32.60 -7.31 10.87
C ASP A 306 -31.14 -7.11 11.28
N VAL A 307 -30.94 -6.76 12.56
CA VAL A 307 -29.60 -6.55 13.05
C VAL A 307 -28.88 -7.90 13.14
N GLN A 308 -29.57 -8.94 13.59
CA GLN A 308 -28.95 -10.25 13.68
C GLN A 308 -28.60 -10.79 12.31
N LYS A 309 -29.44 -10.51 11.31
CA LYS A 309 -29.18 -10.96 9.94
C LYS A 309 -27.87 -10.36 9.49
N PHE A 310 -27.76 -9.04 9.65
CA PHE A 310 -26.56 -8.30 9.29
C PHE A 310 -25.30 -8.87 9.98
N LEU A 311 -25.36 -9.07 11.30
CA LEU A 311 -24.19 -9.58 12.02
C LEU A 311 -23.75 -10.91 11.46
N VAL A 312 -24.74 -11.74 11.13
CA VAL A 312 -24.48 -13.06 10.58
C VAL A 312 -23.82 -12.93 9.22
N GLU A 313 -24.33 -12.02 8.40
CA GLU A 313 -23.78 -11.79 7.06
C GLU A 313 -22.33 -11.26 7.09
N CYS A 314 -22.02 -10.43 8.10
CA CYS A 314 -20.68 -9.87 8.22
C CYS A 314 -19.63 -10.92 8.55
N PHE A 315 -19.96 -11.86 9.43
CA PHE A 315 -19.01 -12.89 9.80
C PHE A 315 -18.85 -13.93 8.70
N ARG A 316 -19.95 -14.29 8.08
CA ARG A 316 -19.98 -15.24 7.00
C ARG A 316 -19.16 -14.63 5.85
N GLY A 317 -19.28 -13.31 5.71
CA GLY A 317 -18.55 -12.61 4.66
C GLY A 317 -17.05 -12.51 4.87
N LYS A 318 -16.53 -13.00 5.99
CA LYS A 318 -15.09 -12.89 6.20
C LYS A 318 -14.32 -14.11 5.70
N ARG A 319 -15.02 -15.21 5.45
CA ARG A 319 -14.43 -16.46 4.96
C ARG A 319 -13.83 -16.28 3.56
N ARG A 320 -12.60 -16.75 3.34
CA ARG A 320 -11.97 -16.62 2.02
C ARG A 320 -12.70 -17.49 1.00
N ASP A 321 -13.12 -18.69 1.41
CA ASP A 321 -13.82 -19.58 0.50
C ASP A 321 -14.90 -20.39 1.21
N PRO A 326 -19.89 -23.83 5.37
CA PRO A 326 -20.04 -24.59 6.62
C PRO A 326 -20.00 -23.69 7.87
N LEU A 327 -20.71 -22.56 7.83
CA LEU A 327 -20.70 -21.65 8.97
C LEU A 327 -21.90 -21.83 9.87
N TYR A 328 -21.68 -22.42 11.04
CA TYR A 328 -22.74 -22.66 12.02
C TYR A 328 -22.82 -21.47 12.95
N HIS A 329 -24.02 -21.12 13.38
CA HIS A 329 -24.19 -20.01 14.29
C HIS A 329 -25.45 -20.12 15.11
N HIS A 330 -25.37 -19.57 16.31
CA HIS A 330 -26.49 -19.56 17.24
C HIS A 330 -26.51 -18.19 17.92
N PHE A 331 -27.70 -17.73 18.31
CA PHE A 331 -27.84 -16.48 19.05
C PHE A 331 -28.03 -16.92 20.49
N THR A 332 -27.04 -16.66 21.32
CA THR A 332 -27.09 -17.08 22.73
C THR A 332 -27.09 -15.92 23.69
N THR A 333 -27.32 -16.24 24.95
CA THR A 333 -27.25 -15.34 26.07
C THR A 333 -26.51 -16.23 27.09
N ALA A 334 -25.20 -16.13 27.13
CA ALA A 334 -24.42 -17.00 28.00
C ALA A 334 -24.81 -17.04 29.48
N ILE A 335 -25.52 -16.03 29.96
CA ILE A 335 -25.87 -16.01 31.36
C ILE A 335 -27.15 -16.74 31.67
N ASN A 336 -27.87 -17.13 30.61
CA ASN A 336 -29.13 -17.87 30.75
C ASN A 336 -28.83 -19.36 30.63
N THR A 337 -28.70 -20.01 31.78
CA THR A 337 -28.38 -21.42 31.87
C THR A 337 -29.21 -22.29 30.94
N GLU A 338 -30.52 -22.06 30.93
CA GLU A 338 -31.39 -22.87 30.08
C GLU A 338 -31.18 -22.62 28.60
N ASN A 339 -30.74 -21.41 28.25
CA ASN A 339 -30.51 -21.10 26.84
C ASN A 339 -29.29 -21.86 26.35
N ILE A 340 -28.23 -21.83 27.17
CA ILE A 340 -26.97 -22.46 26.87
C ILE A 340 -27.05 -24.00 26.84
N ARG A 341 -27.97 -24.54 27.62
CA ARG A 341 -28.17 -26.00 27.68
C ARG A 341 -28.74 -26.47 26.34
N LEU A 342 -29.73 -25.75 25.82
CA LEU A 342 -30.33 -26.12 24.56
C LEU A 342 -29.29 -25.98 23.46
N VAL A 343 -28.62 -24.83 23.42
CA VAL A 343 -27.62 -24.56 22.41
C VAL A 343 -26.47 -25.54 22.40
N PHE A 344 -25.88 -25.78 23.55
CA PHE A 344 -24.74 -26.68 23.58
C PHE A 344 -25.09 -28.11 23.15
N ARG A 345 -26.34 -28.50 23.36
CA ARG A 345 -26.80 -29.83 22.97
C ARG A 345 -26.65 -29.90 21.45
N ASP A 346 -27.04 -28.81 20.78
CA ASP A 346 -26.95 -28.76 19.33
C ASP A 346 -25.53 -28.60 18.83
N VAL A 347 -24.72 -27.84 19.56
CA VAL A 347 -23.33 -27.65 19.18
C VAL A 347 -22.62 -28.99 19.34
N LYS A 348 -22.98 -29.71 20.40
CA LYS A 348 -22.35 -31.01 20.68
C LYS A 348 -22.55 -32.04 19.57
N ASP A 349 -23.73 -32.09 18.96
CA ASP A 349 -23.94 -33.06 17.92
C ASP A 349 -23.31 -32.58 16.61
N THR A 350 -23.07 -31.26 16.52
CA THR A 350 -22.44 -30.67 15.34
C THR A 350 -20.94 -30.98 15.32
N ILE A 351 -20.32 -30.82 16.48
CA ILE A 351 -18.90 -31.04 16.67
C ILE A 351 -18.54 -32.51 16.54
N LEU A 352 -19.54 -33.37 16.69
CA LEU A 352 -19.31 -34.79 16.60
C LEU A 352 -19.55 -35.33 15.20
N HIS A 353 -20.61 -34.88 14.54
CA HIS A 353 -20.88 -35.35 13.19
C HIS A 353 -19.92 -34.77 12.16
N ASP A 354 -19.27 -33.65 12.49
CA ASP A 354 -18.30 -33.02 11.59
C ASP A 354 -16.92 -33.66 11.73
N ASN A 355 -16.55 -33.97 12.97
CA ASN A 355 -15.26 -34.57 13.26
C ASN A 355 -15.11 -35.90 12.52
N LEU A 356 -16.22 -36.36 11.93
CA LEU A 356 -16.27 -37.61 11.17
C LEU A 356 -15.46 -37.55 9.88
N LYS A 357 -15.81 -36.59 9.02
CA LYS A 357 -15.09 -36.44 7.75
C LYS A 357 -13.94 -35.45 7.88
N SER B 35 -8.97 9.89 29.29
CA SER B 35 -9.07 10.58 30.61
C SER B 35 -9.95 9.84 31.59
N ILE B 36 -11.18 9.52 31.19
CA ILE B 36 -12.04 8.81 32.11
C ILE B 36 -11.45 7.44 32.48
N ILE B 37 -11.50 7.14 33.77
CA ILE B 37 -10.99 5.89 34.32
C ILE B 37 -11.69 4.66 33.77
N GLY B 38 -10.93 3.61 33.47
CA GLY B 38 -11.51 2.35 33.00
C GLY B 38 -11.46 1.42 34.20
N ALA B 39 -12.43 0.53 34.35
CA ALA B 39 -12.43 -0.36 35.52
C ALA B 39 -11.45 -1.54 35.39
N GLU B 40 -10.97 -1.80 34.19
CA GLU B 40 -10.03 -2.89 34.00
C GLU B 40 -8.76 -2.34 33.40
N ASP B 41 -8.55 -1.05 33.58
CA ASP B 41 -7.37 -0.38 33.06
C ASP B 41 -6.07 -0.77 33.79
N GLU B 42 -6.15 -0.94 35.10
CA GLU B 42 -4.96 -1.29 35.85
C GLU B 42 -4.59 -2.76 35.64
N ASP B 43 -5.58 -3.60 35.34
CA ASP B 43 -5.34 -5.03 35.09
C ASP B 43 -4.41 -5.22 33.92
N PHE B 44 -4.50 -4.33 32.93
CA PHE B 44 -3.65 -4.44 31.74
C PHE B 44 -2.64 -3.32 31.55
N GLU B 45 -2.31 -2.61 32.62
CA GLU B 45 -1.37 -1.50 32.53
C GLU B 45 -0.10 -1.84 31.77
N ASN B 46 0.65 -2.79 32.29
CA ASN B 46 1.90 -3.19 31.66
C ASN B 46 1.71 -3.90 30.33
N GLU B 47 0.60 -3.61 29.67
CA GLU B 47 0.28 -4.20 28.38
C GLU B 47 0.11 -3.11 27.33
N PHE B 59 7.95 -4.20 9.80
CA PHE B 59 7.39 -4.82 8.60
C PHE B 59 6.76 -3.78 7.69
N GLN B 60 7.39 -2.61 7.57
CA GLN B 60 6.84 -1.57 6.73
C GLN B 60 6.93 -1.91 5.24
N SER B 61 8.00 -2.57 4.87
CA SER B 61 8.21 -2.98 3.49
C SER B 61 9.00 -4.26 3.50
N LEU B 62 8.90 -5.02 2.41
CA LEU B 62 9.60 -6.27 2.31
C LEU B 62 11.11 -6.08 2.45
N GLU B 63 11.64 -5.08 1.75
CA GLU B 63 13.07 -4.80 1.80
C GLU B 63 13.55 -4.65 3.26
N GLN B 64 12.63 -4.27 4.13
CA GLN B 64 12.93 -4.06 5.54
C GLN B 64 12.91 -5.31 6.41
N VAL B 65 12.39 -6.42 5.89
CA VAL B 65 12.29 -7.62 6.70
C VAL B 65 13.03 -8.86 6.10
N LYS B 66 13.53 -8.74 4.87
CA LYS B 66 14.21 -9.82 4.20
C LYS B 66 15.58 -10.21 4.75
N ARG B 67 16.11 -9.39 5.66
CA ARG B 67 17.42 -9.62 6.28
C ARG B 67 17.30 -9.90 7.78
N ARG B 68 16.07 -9.88 8.28
CA ARG B 68 15.78 -10.13 9.69
C ARG B 68 15.09 -11.50 9.71
N PRO B 69 15.86 -12.58 9.91
CA PRO B 69 15.31 -13.94 9.92
C PRO B 69 14.12 -14.24 10.82
N ALA B 70 14.19 -13.86 12.09
CA ALA B 70 13.08 -14.14 12.99
C ALA B 70 11.77 -13.44 12.58
N HIS B 71 11.86 -12.18 12.22
CA HIS B 71 10.67 -11.43 11.81
C HIS B 71 10.12 -11.99 10.51
N LEU B 72 11.02 -12.36 9.59
CA LEU B 72 10.61 -12.91 8.30
C LEU B 72 9.90 -14.27 8.48
N MET B 73 10.36 -15.05 9.45
CA MET B 73 9.73 -16.33 9.72
C MET B 73 8.30 -16.15 10.20
N ALA B 74 8.05 -15.09 10.97
CA ALA B 74 6.71 -14.82 11.48
C ALA B 74 5.79 -14.50 10.31
N LEU B 75 6.26 -13.61 9.44
CA LEU B 75 5.52 -13.23 8.23
C LEU B 75 5.31 -14.48 7.37
N LEU B 76 6.41 -15.16 7.05
CA LEU B 76 6.37 -16.37 6.25
C LEU B 76 5.34 -17.31 6.84
N GLN B 77 5.42 -17.54 8.14
CA GLN B 77 4.50 -18.44 8.80
C GLN B 77 3.09 -17.95 8.57
N HIS B 78 2.90 -16.66 8.81
CA HIS B 78 1.58 -16.07 8.66
C HIS B 78 1.02 -16.24 7.27
N VAL B 79 1.81 -15.85 6.27
CA VAL B 79 1.36 -15.98 4.89
C VAL B 79 1.02 -17.42 4.51
N ALA B 80 1.80 -18.37 5.00
CA ALA B 80 1.58 -19.79 4.69
C ALA B 80 0.25 -20.32 5.19
N LEU B 81 -0.20 -19.83 6.34
CA LEU B 81 -1.47 -20.30 6.88
C LEU B 81 -2.65 -19.49 6.39
N GLN B 82 -2.38 -18.33 5.80
CA GLN B 82 -3.48 -17.47 5.38
C GLN B 82 -3.69 -17.27 3.89
N PHE B 83 -2.66 -16.88 3.16
CA PHE B 83 -2.83 -16.62 1.75
C PHE B 83 -2.07 -17.56 0.85
N GLU B 84 -1.77 -17.06 -0.35
CA GLU B 84 -1.02 -17.79 -1.37
C GLU B 84 0.46 -17.53 -1.09
N PRO B 85 1.21 -18.57 -0.67
CA PRO B 85 2.64 -18.49 -0.36
C PRO B 85 3.60 -18.21 -1.52
N GLY B 86 3.16 -18.48 -2.74
CA GLY B 86 3.98 -18.26 -3.92
C GLY B 86 4.58 -16.88 -4.13
N PRO B 87 3.76 -15.82 -4.16
CA PRO B 87 4.29 -14.46 -4.38
C PRO B 87 5.49 -14.09 -3.50
N LEU B 88 5.32 -14.22 -2.18
CA LEU B 88 6.39 -13.87 -1.23
C LEU B 88 7.62 -14.78 -1.38
N LEU B 89 7.42 -16.06 -1.54
CA LEU B 89 8.56 -16.97 -1.71
C LEU B 89 9.29 -16.60 -3.00
N CYS B 90 8.53 -16.07 -3.94
CA CYS B 90 9.07 -15.68 -5.23
C CYS B 90 10.01 -14.48 -5.13
N CYS B 91 9.60 -13.46 -4.39
CA CYS B 91 10.41 -12.26 -4.21
C CYS B 91 11.65 -12.50 -3.36
N LEU B 92 11.53 -13.39 -2.37
CA LEU B 92 12.66 -13.69 -1.51
C LEU B 92 13.72 -14.47 -2.29
N HIS B 93 13.29 -15.37 -3.17
CA HIS B 93 14.25 -16.13 -3.97
C HIS B 93 14.89 -15.30 -5.09
N ALA B 94 14.13 -14.36 -5.63
CA ALA B 94 14.61 -13.49 -6.68
C ALA B 94 15.77 -12.70 -6.09
N ASP B 95 15.49 -11.97 -5.02
CA ASP B 95 16.52 -11.20 -4.34
C ASP B 95 17.74 -12.05 -3.99
N MET B 96 17.53 -13.36 -3.86
CA MET B 96 18.62 -14.26 -3.55
C MET B 96 19.47 -14.46 -4.81
N LEU B 97 18.83 -14.37 -5.98
CA LEU B 97 19.55 -14.52 -7.25
C LEU B 97 20.62 -13.45 -7.41
N GLY B 98 20.42 -12.33 -6.71
CA GLY B 98 21.38 -11.24 -6.78
C GLY B 98 22.01 -10.99 -5.42
N LYS B 106 23.16 -17.90 -11.81
CA LYS B 106 22.85 -18.43 -13.14
C LYS B 106 22.19 -19.82 -13.02
N LYS B 107 22.77 -20.69 -12.20
CA LYS B 107 22.19 -22.03 -12.00
C LYS B 107 20.98 -21.86 -11.08
N ALA B 108 21.01 -20.79 -10.28
CA ALA B 108 19.92 -20.49 -9.36
C ALA B 108 18.88 -19.69 -10.12
N PHE B 109 18.59 -20.13 -11.35
CA PHE B 109 17.61 -19.48 -12.20
C PHE B 109 16.73 -20.55 -12.80
N LEU B 110 17.27 -21.77 -12.83
CA LEU B 110 16.55 -22.92 -13.34
C LEU B 110 15.66 -23.37 -12.18
N ASP B 111 16.20 -23.25 -10.97
CA ASP B 111 15.47 -23.60 -9.75
C ASP B 111 14.26 -22.70 -9.69
N PHE B 112 14.55 -21.40 -9.69
CA PHE B 112 13.54 -20.35 -9.63
C PHE B 112 12.46 -20.53 -10.70
N TYR B 113 12.88 -20.98 -11.88
CA TYR B 113 11.98 -21.19 -13.01
C TYR B 113 11.02 -22.36 -12.81
N HIS B 114 11.56 -23.49 -12.36
CA HIS B 114 10.75 -24.69 -12.13
C HIS B 114 9.91 -24.62 -10.85
N SER B 115 10.19 -23.61 -10.04
CA SER B 115 9.48 -23.42 -8.79
C SER B 115 8.44 -22.33 -8.87
N PHE B 116 8.68 -21.31 -9.70
CA PHE B 116 7.75 -20.19 -9.80
C PHE B 116 7.27 -19.76 -11.20
N LEU B 117 8.14 -19.85 -12.20
CA LEU B 117 7.79 -19.43 -13.56
C LEU B 117 7.03 -20.40 -14.46
N GLU B 118 7.56 -21.59 -14.65
CA GLU B 118 6.95 -22.63 -15.49
C GLU B 118 5.50 -22.87 -15.07
N LYS B 119 4.58 -22.84 -16.02
CA LYS B 119 3.16 -23.02 -15.75
C LYS B 119 2.76 -24.23 -14.88
N THR B 120 3.68 -25.17 -14.67
CA THR B 120 3.35 -26.35 -13.87
C THR B 120 3.96 -26.45 -12.48
N ALA B 121 4.79 -25.49 -12.09
CA ALA B 121 5.42 -25.53 -10.76
C ALA B 121 4.38 -25.52 -9.64
N VAL B 122 4.69 -26.23 -8.56
CA VAL B 122 3.80 -26.33 -7.39
C VAL B 122 3.59 -24.95 -6.77
N LEU B 123 4.53 -24.04 -7.02
CA LEU B 123 4.48 -22.69 -6.47
C LEU B 123 4.41 -21.62 -7.55
N ARG B 124 3.61 -21.85 -8.58
CA ARG B 124 3.46 -20.90 -9.67
C ARG B 124 2.94 -19.54 -9.22
N VAL B 125 3.41 -18.48 -9.87
CA VAL B 125 2.99 -17.13 -9.56
C VAL B 125 2.64 -16.46 -10.87
N PRO B 126 1.78 -15.43 -10.84
CA PRO B 126 1.40 -14.74 -12.08
C PRO B 126 2.58 -14.01 -12.71
N VAL B 127 2.82 -14.29 -13.98
CA VAL B 127 3.92 -13.67 -14.69
C VAL B 127 3.41 -12.67 -15.72
N PRO B 128 4.12 -11.54 -15.90
CA PRO B 128 3.64 -10.58 -16.90
C PRO B 128 3.58 -11.29 -18.25
N PRO B 129 2.63 -10.92 -19.11
CA PRO B 129 2.57 -11.59 -20.40
C PRO B 129 3.91 -11.49 -21.13
N ASN B 130 4.40 -10.25 -21.23
CA ASN B 130 5.66 -9.96 -21.90
C ASN B 130 6.78 -10.91 -21.50
N VAL B 131 6.98 -11.03 -20.18
CA VAL B 131 8.01 -11.92 -19.67
C VAL B 131 7.74 -13.35 -20.16
N ALA B 132 6.55 -13.85 -19.87
CA ALA B 132 6.14 -15.19 -20.27
C ALA B 132 6.19 -15.37 -21.78
N PHE B 133 6.58 -14.32 -22.49
CA PHE B 133 6.69 -14.37 -23.94
C PHE B 133 8.15 -14.55 -24.35
N GLU B 134 9.03 -13.80 -23.70
CA GLU B 134 10.45 -13.88 -24.00
C GLU B 134 11.12 -14.97 -23.15
N VAL B 147 18.86 -9.37 -19.86
CA VAL B 147 17.55 -9.97 -20.13
C VAL B 147 17.14 -10.84 -18.94
N GLN B 148 17.99 -11.80 -18.59
CA GLN B 148 17.70 -12.68 -17.46
C GLN B 148 17.45 -11.84 -16.21
N ARG B 149 18.07 -10.66 -16.14
CA ARG B 149 17.88 -9.79 -15.00
C ARG B 149 16.58 -9.02 -15.18
N ARG B 150 16.18 -8.83 -16.43
CA ARG B 150 14.94 -8.12 -16.74
C ARG B 150 13.73 -8.91 -16.27
N PHE B 151 13.64 -10.18 -16.66
CA PHE B 151 12.51 -11.01 -16.27
C PHE B 151 12.37 -11.07 -14.76
N VAL B 152 13.40 -11.56 -14.10
CA VAL B 152 13.39 -11.68 -12.64
C VAL B 152 12.95 -10.36 -12.02
N GLN B 153 13.55 -9.26 -12.47
CA GLN B 153 13.20 -7.95 -11.95
C GLN B 153 11.73 -7.64 -12.19
N GLU B 154 11.25 -7.99 -13.38
CA GLU B 154 9.85 -7.74 -13.75
C GLU B 154 8.92 -8.66 -12.99
N VAL B 155 9.22 -9.96 -13.01
CA VAL B 155 8.42 -10.96 -12.31
C VAL B 155 8.13 -10.47 -10.89
N VAL B 156 9.16 -9.93 -10.24
CA VAL B 156 9.06 -9.42 -8.88
C VAL B 156 8.10 -8.25 -8.83
N GLN B 157 8.25 -7.38 -9.81
CA GLN B 157 7.41 -6.21 -9.95
C GLN B 157 5.92 -6.57 -9.97
N SER B 158 5.58 -7.68 -10.61
CA SER B 158 4.18 -8.05 -10.69
C SER B 158 3.68 -8.80 -9.46
N GLN B 159 4.49 -8.85 -8.41
CA GLN B 159 4.07 -9.55 -7.19
C GLN B 159 3.79 -8.52 -6.11
N GLN B 160 4.28 -7.30 -6.33
CA GLN B 160 4.11 -6.23 -5.35
C GLN B 160 2.70 -6.08 -4.78
N VAL B 161 1.69 -5.94 -5.63
CA VAL B 161 0.34 -5.76 -5.13
C VAL B 161 -0.08 -6.87 -4.21
N ALA B 162 0.19 -8.11 -4.62
CA ALA B 162 -0.17 -9.27 -3.82
C ALA B 162 0.63 -9.32 -2.52
N VAL B 163 1.92 -8.99 -2.60
CA VAL B 163 2.77 -9.00 -1.40
C VAL B 163 2.49 -7.80 -0.51
N GLY B 164 1.98 -6.73 -1.13
CA GLY B 164 1.63 -5.54 -0.39
C GLY B 164 0.45 -5.81 0.52
N ARG B 165 -0.54 -6.57 0.03
CA ARG B 165 -1.72 -6.88 0.86
C ARG B 165 -1.39 -7.85 1.97
N GLN B 166 -0.62 -8.87 1.63
CA GLN B 166 -0.20 -9.84 2.62
C GLN B 166 0.50 -9.08 3.76
N LEU B 167 1.45 -8.21 3.40
CA LEU B 167 2.17 -7.41 4.40
C LEU B 167 1.23 -6.56 5.25
N GLU B 168 0.30 -5.88 4.58
CA GLU B 168 -0.65 -5.02 5.26
C GLU B 168 -1.47 -5.86 6.23
N ASP B 169 -2.00 -6.98 5.76
CA ASP B 169 -2.79 -7.82 6.61
C ASP B 169 -1.96 -8.25 7.82
N PHE B 170 -0.72 -8.61 7.58
CA PHE B 170 0.14 -9.04 8.67
C PHE B 170 0.38 -7.92 9.68
N ARG B 171 0.54 -6.69 9.20
CA ARG B 171 0.75 -5.58 10.12
C ARG B 171 -0.51 -5.27 10.95
N SER B 172 -1.68 -5.42 10.34
CA SER B 172 -2.94 -5.17 11.06
C SER B 172 -3.13 -6.19 12.15
N LYS B 173 -2.99 -7.45 11.79
CA LYS B 173 -3.18 -8.55 12.72
C LYS B 173 -2.18 -8.48 13.85
N ARG B 174 -0.95 -8.07 13.55
CA ARG B 174 0.06 -7.96 14.58
C ARG B 174 -0.39 -6.91 15.61
N LEU B 175 -0.94 -5.80 15.14
CA LEU B 175 -1.42 -4.79 16.07
C LEU B 175 -2.49 -5.45 16.92
N MET B 176 -3.21 -6.39 16.33
CA MET B 176 -4.26 -7.10 17.04
C MET B 176 -3.72 -8.27 17.84
N GLY B 177 -2.42 -8.52 17.76
CA GLY B 177 -1.84 -9.62 18.48
C GLY B 177 -2.21 -10.96 17.84
N MET B 178 -2.63 -10.92 16.59
CA MET B 178 -3.03 -12.13 15.88
C MET B 178 -1.94 -12.77 15.03
N THR B 179 -0.71 -12.29 15.10
CA THR B 179 0.34 -12.91 14.31
C THR B 179 1.23 -13.78 15.19
N PRO B 180 1.87 -14.80 14.61
CA PRO B 180 2.76 -15.74 15.30
C PRO B 180 4.09 -15.25 15.91
N TRP B 181 4.39 -15.76 17.10
CA TRP B 181 5.61 -15.49 17.85
C TRP B 181 5.91 -14.07 18.28
N GLU B 182 4.89 -13.33 18.70
CA GLU B 182 5.12 -11.97 19.11
C GLU B 182 6.01 -11.99 20.32
N GLN B 183 5.85 -13.00 21.16
CA GLN B 183 6.65 -13.14 22.37
C GLN B 183 8.16 -13.17 22.06
N GLU B 184 8.55 -14.05 21.14
CA GLU B 184 9.94 -14.22 20.76
C GLU B 184 10.45 -12.95 20.11
N LEU B 185 9.62 -12.34 19.29
CA LEU B 185 10.01 -11.11 18.60
C LEU B 185 10.11 -9.94 19.57
N ALA B 186 9.43 -10.03 20.71
CA ALA B 186 9.46 -8.98 21.73
C ALA B 186 10.78 -9.10 22.50
N GLN B 187 11.05 -10.31 22.99
CA GLN B 187 12.28 -10.61 23.72
C GLN B 187 13.47 -10.23 22.84
N LEU B 188 13.36 -10.54 21.54
CA LEU B 188 14.44 -10.24 20.62
C LEU B 188 14.56 -8.74 20.40
N GLU B 189 13.45 -8.12 20.00
CA GLU B 189 13.44 -6.67 19.76
C GLU B 189 13.79 -5.87 21.00
N ALA B 190 13.80 -6.53 22.16
CA ALA B 190 14.10 -5.86 23.42
C ALA B 190 15.60 -5.67 23.63
N TRP B 191 16.31 -6.79 23.74
CA TRP B 191 17.75 -6.77 23.98
C TRP B 191 18.42 -5.63 23.23
N VAL B 192 19.39 -4.98 23.89
CA VAL B 192 20.10 -3.85 23.31
C VAL B 192 21.61 -4.03 23.26
N GLY B 193 22.24 -3.30 22.34
CA GLY B 193 23.68 -3.35 22.20
C GLY B 193 24.15 -2.60 20.96
N ARG B 194 25.46 -2.49 20.79
CA ARG B 194 26.02 -1.81 19.64
C ARG B 194 26.78 -2.87 18.85
N ASP B 195 26.71 -4.10 19.36
CA ASP B 195 27.40 -5.23 18.75
C ASP B 195 26.52 -5.89 17.69
N ARG B 196 26.49 -5.31 16.49
CA ARG B 196 25.70 -5.84 15.38
C ARG B 196 25.83 -7.34 15.17
N ALA B 197 27.08 -7.80 15.09
CA ALA B 197 27.41 -9.20 14.88
C ALA B 197 26.72 -10.08 15.91
N SER B 198 26.82 -9.74 17.19
CA SER B 198 26.18 -10.55 18.20
C SER B 198 24.66 -10.36 18.21
N TYR B 199 24.17 -9.24 17.70
CA TYR B 199 22.72 -9.08 17.68
C TYR B 199 22.16 -10.00 16.61
N GLU B 200 22.82 -10.04 15.46
CA GLU B 200 22.40 -10.92 14.36
C GLU B 200 22.39 -12.40 14.78
N ALA B 201 23.36 -12.79 15.62
CA ALA B 201 23.44 -14.16 16.10
C ALA B 201 22.16 -14.45 16.88
N ARG B 202 21.72 -13.49 17.70
CA ARG B 202 20.47 -13.68 18.44
C ARG B 202 19.30 -13.87 17.49
N GLU B 203 19.26 -13.08 16.42
CA GLU B 203 18.18 -13.20 15.44
C GLU B 203 18.15 -14.61 14.83
N ARG B 204 19.30 -15.09 14.41
CA ARG B 204 19.40 -16.41 13.81
C ARG B 204 18.96 -17.50 14.76
N HIS B 205 19.49 -17.51 15.99
CA HIS B 205 19.11 -18.53 16.96
C HIS B 205 17.59 -18.60 17.15
N VAL B 206 16.92 -17.44 17.12
CA VAL B 206 15.48 -17.45 17.31
C VAL B 206 14.83 -17.95 16.05
N ALA B 207 15.35 -17.50 14.92
CA ALA B 207 14.84 -17.91 13.62
C ALA B 207 14.90 -19.44 13.48
N GLU B 208 15.99 -20.05 13.96
CA GLU B 208 16.15 -21.52 13.92
C GLU B 208 14.97 -22.19 14.63
N ARG B 209 14.71 -21.74 15.86
CA ARG B 209 13.60 -22.29 16.63
C ARG B 209 12.31 -22.13 15.85
N LEU B 210 12.09 -20.94 15.31
CA LEU B 210 10.87 -20.71 14.57
C LEU B 210 10.80 -21.59 13.31
N LEU B 211 11.91 -21.68 12.58
CA LEU B 211 11.98 -22.45 11.34
C LEU B 211 11.76 -23.93 11.65
N MET B 212 12.36 -24.34 12.75
CA MET B 212 12.28 -25.69 13.25
C MET B 212 10.82 -25.99 13.54
N HIS B 213 10.11 -24.97 14.01
CA HIS B 213 8.71 -25.07 14.36
C HIS B 213 7.84 -25.06 13.13
N LEU B 214 8.23 -24.29 12.12
CA LEU B 214 7.47 -24.25 10.88
C LEU B 214 7.53 -25.60 10.18
N GLU B 215 8.72 -26.20 10.16
CA GLU B 215 8.88 -27.50 9.54
C GLU B 215 8.00 -28.55 10.21
N GLU B 216 8.05 -28.62 11.53
CA GLU B 216 7.27 -29.59 12.29
C GLU B 216 5.77 -29.52 11.98
N MET B 217 5.10 -28.54 12.57
CA MET B 217 3.67 -28.38 12.38
C MET B 217 3.33 -27.58 11.12
N GLN B 218 3.54 -28.22 9.97
CA GLN B 218 3.28 -27.57 8.69
C GLN B 218 2.33 -28.35 7.79
N HIS B 219 2.06 -29.61 8.12
CA HIS B 219 1.16 -30.44 7.33
C HIS B 219 -0.16 -29.70 7.17
N THR B 220 -0.30 -28.62 7.93
CA THR B 220 -1.47 -27.76 7.92
C THR B 220 -1.35 -26.65 6.87
N ILE B 221 -0.17 -26.49 6.28
CA ILE B 221 0.07 -25.48 5.25
C ILE B 221 -0.86 -25.77 4.07
N SER B 222 -0.81 -27.01 3.59
CA SER B 222 -1.65 -27.42 2.46
C SER B 222 -1.87 -28.93 2.44
N THR B 223 -2.95 -29.34 1.78
CA THR B 223 -3.30 -30.75 1.64
C THR B 223 -2.27 -31.39 0.71
N ASP B 224 -2.00 -30.69 -0.37
CA ASP B 224 -1.03 -31.08 -1.39
C ASP B 224 0.30 -31.36 -0.67
N GLU B 225 0.59 -32.62 -0.38
CA GLU B 225 1.84 -32.94 0.30
C GLU B 225 3.03 -32.32 -0.43
N GLU B 226 2.93 -32.22 -1.75
CA GLU B 226 4.00 -31.65 -2.56
C GLU B 226 4.07 -30.13 -2.40
N LYS B 227 2.90 -29.51 -2.27
CA LYS B 227 2.79 -28.06 -2.10
C LYS B 227 3.48 -27.67 -0.77
N SER B 228 2.92 -28.16 0.33
CA SER B 228 3.45 -27.87 1.65
C SER B 228 4.94 -28.17 1.75
N ALA B 229 5.42 -29.10 0.94
CA ALA B 229 6.84 -29.44 0.97
C ALA B 229 7.61 -28.47 0.07
N ALA B 230 6.94 -27.96 -0.96
CA ALA B 230 7.59 -27.01 -1.86
C ALA B 230 7.75 -25.69 -1.09
N VAL B 231 6.81 -25.44 -0.20
CA VAL B 231 6.77 -24.27 0.66
C VAL B 231 7.91 -24.35 1.69
N VAL B 232 7.98 -25.48 2.39
CA VAL B 232 9.01 -25.66 3.40
C VAL B 232 10.40 -25.62 2.77
N ASN B 233 10.60 -26.33 1.65
CA ASN B 233 11.91 -26.32 1.02
C ASN B 233 12.26 -24.91 0.52
N ALA B 234 11.24 -24.16 0.11
CA ALA B 234 11.44 -22.80 -0.38
C ALA B 234 11.88 -21.86 0.75
N ILE B 235 11.29 -22.06 1.93
CA ILE B 235 11.64 -21.24 3.08
C ILE B 235 13.00 -21.69 3.65
N GLY B 236 13.25 -22.99 3.71
CA GLY B 236 14.54 -23.45 4.20
C GLY B 236 15.63 -22.93 3.28
N LEU B 237 15.44 -23.13 1.99
CA LEU B 237 16.43 -22.64 1.06
C LEU B 237 16.71 -21.18 1.43
N TYR B 238 15.69 -20.31 1.41
CA TYR B 238 15.94 -18.90 1.77
C TYR B 238 16.51 -18.70 3.19
N MET B 239 15.99 -19.41 4.18
CA MET B 239 16.53 -19.25 5.53
C MET B 239 18.01 -19.60 5.53
N ARG B 240 18.38 -20.68 4.83
CA ARG B 240 19.78 -21.09 4.73
C ARG B 240 20.66 -19.95 4.20
N HIS B 241 20.13 -19.16 3.28
CA HIS B 241 20.90 -18.07 2.73
C HIS B 241 21.17 -16.94 3.75
N LEU B 242 20.42 -16.93 4.85
CA LEU B 242 20.60 -15.92 5.88
C LEU B 242 21.30 -16.51 7.13
N GLY B 243 21.84 -17.73 6.97
CA GLY B 243 22.55 -18.41 8.04
C GLY B 243 21.67 -19.15 9.05
N VAL B 244 20.45 -19.49 8.67
CA VAL B 244 19.51 -20.15 9.57
C VAL B 244 19.19 -21.57 9.15
N ARG B 245 19.50 -22.54 10.01
CA ARG B 245 19.23 -23.94 9.68
C ARG B 245 18.64 -24.69 10.86
N THR B 246 17.91 -25.77 10.56
CA THR B 246 17.31 -26.62 11.59
C THR B 246 18.15 -27.90 11.68
N ARG C 32 3.74 -4.26 -42.07
CA ARG C 32 2.28 -3.96 -42.18
C ARG C 32 1.69 -3.73 -40.79
N LEU C 33 2.55 -3.82 -39.78
CA LEU C 33 2.16 -3.62 -38.39
C LEU C 33 2.39 -2.15 -38.02
N VAL C 34 1.34 -1.48 -37.56
CA VAL C 34 1.47 -0.08 -37.15
C VAL C 34 1.83 -0.03 -35.65
N LYS C 35 3.10 0.26 -35.36
CA LYS C 35 3.56 0.35 -33.98
C LYS C 35 3.61 1.82 -33.55
N ILE C 36 2.91 2.17 -32.48
CA ILE C 36 2.88 3.56 -32.01
C ILE C 36 3.39 3.81 -30.59
N LEU C 37 4.40 4.67 -30.50
CA LEU C 37 5.03 5.08 -29.25
C LEU C 37 4.38 6.31 -28.63
N LEU C 38 3.88 6.18 -27.41
CA LEU C 38 3.30 7.29 -26.67
C LEU C 38 4.47 7.91 -25.91
N LEU C 39 4.84 9.15 -26.21
CA LEU C 39 5.94 9.78 -25.48
C LEU C 39 5.47 11.09 -24.85
N GLY C 40 6.35 11.69 -24.06
CA GLY C 40 6.03 12.93 -23.40
C GLY C 40 6.33 12.86 -21.91
N ALA C 41 6.55 14.03 -21.31
CA ALA C 41 6.86 14.11 -19.88
C ALA C 41 5.84 13.36 -19.02
N GLY C 42 6.19 13.19 -17.75
CA GLY C 42 5.27 12.53 -16.85
C GLY C 42 4.00 13.38 -16.70
N GLU C 43 2.88 12.69 -16.46
CA GLU C 43 1.59 13.30 -16.26
C GLU C 43 1.10 14.05 -17.51
N SER C 44 1.57 13.66 -18.69
CA SER C 44 1.16 14.31 -19.92
C SER C 44 -0.10 13.71 -20.52
N GLY C 45 -0.54 12.57 -19.99
CA GLY C 45 -1.74 11.92 -20.48
C GLY C 45 -1.59 10.64 -21.28
N LYS C 46 -0.39 10.09 -21.34
CA LYS C 46 -0.13 8.90 -22.11
C LYS C 46 -1.01 7.74 -21.73
N SER C 47 -1.08 7.42 -20.45
CA SER C 47 -1.91 6.32 -19.98
C SER C 47 -3.40 6.54 -20.23
N THR C 48 -3.88 7.76 -19.96
CA THR C 48 -5.28 8.10 -20.16
C THR C 48 -5.67 7.86 -21.61
N PHE C 49 -4.77 8.20 -22.53
CA PHE C 49 -4.98 8.02 -23.96
C PHE C 49 -5.07 6.54 -24.32
N LEU C 50 -4.15 5.76 -23.75
CA LEU C 50 -4.08 4.33 -23.98
C LEU C 50 -5.40 3.72 -23.49
N LYS C 51 -5.96 4.29 -22.43
CA LYS C 51 -7.22 3.77 -21.92
C LYS C 51 -8.36 4.07 -22.91
N GLN C 52 -8.18 5.12 -23.70
CA GLN C 52 -9.19 5.52 -24.68
C GLN C 52 -9.26 4.54 -25.83
N MET C 53 -8.09 4.07 -26.27
CA MET C 53 -8.03 3.11 -27.37
C MET C 53 -8.83 1.91 -26.94
N ARG C 54 -8.71 1.57 -25.66
CA ARG C 54 -9.42 0.43 -25.15
C ARG C 54 -10.90 0.70 -25.06
N ILE C 55 -11.29 1.94 -24.81
CA ILE C 55 -12.71 2.25 -24.72
C ILE C 55 -13.38 2.35 -26.08
N ILE C 56 -12.60 2.73 -27.08
CA ILE C 56 -13.07 2.92 -28.45
C ILE C 56 -12.80 1.73 -29.37
N HIS C 57 -11.55 1.26 -29.41
CA HIS C 57 -11.17 0.14 -30.26
C HIS C 57 -10.97 -1.19 -29.53
N GLY C 58 -11.32 -1.24 -28.25
CA GLY C 58 -11.13 -2.46 -27.50
C GLY C 58 -12.37 -3.01 -26.82
N GLN C 59 -12.17 -3.78 -25.76
CA GLN C 59 -13.27 -4.41 -25.01
C GLN C 59 -13.89 -3.50 -23.96
N ASP C 60 -13.29 -2.33 -23.77
CA ASP C 60 -13.78 -1.35 -22.79
C ASP C 60 -13.42 -1.78 -21.36
N PHE C 61 -14.29 -1.48 -20.42
CA PHE C 61 -14.06 -1.79 -19.02
C PHE C 61 -15.35 -2.22 -18.33
N ASP C 62 -15.57 -3.53 -18.24
CA ASP C 62 -16.75 -4.03 -17.55
C ASP C 62 -16.59 -3.64 -16.09
N GLN C 63 -17.47 -4.13 -15.21
CA GLN C 63 -17.38 -3.77 -13.80
C GLN C 63 -16.19 -4.33 -13.04
N ARG C 64 -15.63 -5.44 -13.52
CA ARG C 64 -14.49 -6.05 -12.85
C ARG C 64 -13.27 -5.11 -12.92
N ALA C 65 -12.96 -4.66 -14.13
CA ALA C 65 -11.83 -3.77 -14.35
C ALA C 65 -12.00 -2.39 -13.69
N ARG C 66 -13.22 -1.85 -13.72
CA ARG C 66 -13.50 -0.54 -13.12
C ARG C 66 -13.32 -0.50 -11.60
N GLU C 67 -13.81 -1.52 -10.90
CA GLU C 67 -13.66 -1.55 -9.44
C GLU C 67 -12.17 -1.68 -9.12
N GLU C 68 -11.41 -2.27 -10.05
CA GLU C 68 -9.97 -2.40 -9.90
C GLU C 68 -9.34 -1.02 -9.65
N PHE C 69 -10.01 0.04 -10.12
CA PHE C 69 -9.50 1.39 -9.94
C PHE C 69 -9.90 2.04 -8.62
N ARG C 70 -10.81 1.41 -7.89
CA ARG C 70 -11.27 1.99 -6.64
C ARG C 70 -10.17 2.28 -5.62
N PRO C 71 -9.23 1.36 -5.46
CA PRO C 71 -8.18 1.62 -4.48
C PRO C 71 -7.32 2.83 -4.85
N THR C 72 -7.02 2.96 -6.14
CA THR C 72 -6.22 4.04 -6.69
C THR C 72 -6.86 5.38 -6.42
N ILE C 73 -8.13 5.45 -6.76
CA ILE C 73 -8.96 6.61 -6.60
C ILE C 73 -8.97 7.04 -5.14
N TYR C 74 -9.24 6.11 -4.23
CA TYR C 74 -9.26 6.44 -2.81
C TYR C 74 -7.90 6.94 -2.36
N SER C 75 -6.85 6.42 -3.01
CA SER C 75 -5.48 6.81 -2.73
C SER C 75 -5.20 8.26 -3.21
N ASN C 76 -5.65 8.60 -4.42
CA ASN C 76 -5.51 9.96 -4.99
C ASN C 76 -6.18 10.99 -4.05
N VAL C 77 -7.33 10.62 -3.51
CA VAL C 77 -8.06 11.49 -2.62
C VAL C 77 -7.37 11.73 -1.27
N ILE C 78 -6.96 10.65 -0.60
CA ILE C 78 -6.28 10.80 0.67
C ILE C 78 -4.96 11.51 0.45
N LYS C 79 -4.12 10.95 -0.40
CA LYS C 79 -2.84 11.57 -0.69
C LYS C 79 -2.99 13.00 -1.20
N GLY C 80 -3.91 13.24 -2.13
CA GLY C 80 -4.10 14.60 -2.62
C GLY C 80 -4.45 15.54 -1.47
N MET C 81 -5.33 15.09 -0.58
CA MET C 81 -5.75 15.95 0.52
C MET C 81 -4.66 16.22 1.55
N ARG C 82 -3.69 15.32 1.68
CA ARG C 82 -2.60 15.51 2.63
C ARG C 82 -1.77 16.68 2.20
N VAL C 83 -1.43 16.70 0.92
CA VAL C 83 -0.68 17.79 0.31
C VAL C 83 -1.44 19.12 0.54
N LEU C 84 -2.71 19.16 0.16
CA LEU C 84 -3.52 20.36 0.33
C LEU C 84 -3.39 20.82 1.78
N VAL C 85 -3.52 19.88 2.71
CA VAL C 85 -3.39 20.19 4.14
C VAL C 85 -2.00 20.74 4.44
N ASP C 86 -0.97 20.08 3.89
CA ASP C 86 0.44 20.46 4.06
C ASP C 86 0.73 21.87 3.52
N ALA C 87 0.16 22.18 2.35
CA ALA C 87 0.32 23.46 1.71
C ALA C 87 -0.38 24.58 2.49
N ARG C 88 -1.57 24.30 3.02
CA ARG C 88 -2.29 25.33 3.78
C ARG C 88 -1.41 25.83 4.92
N GLU C 89 -0.90 24.88 5.70
CA GLU C 89 -0.07 25.22 6.85
C GLU C 89 1.25 25.85 6.44
N LYS C 90 1.92 25.26 5.46
CA LYS C 90 3.21 25.77 5.02
C LYS C 90 3.13 27.08 4.24
N LEU C 91 2.02 27.32 3.55
CA LEU C 91 1.88 28.56 2.81
C LEU C 91 1.23 29.61 3.71
N HIS C 92 0.78 29.18 4.89
CA HIS C 92 0.15 30.04 5.89
C HIS C 92 -1.19 30.62 5.51
N ILE C 93 -2.05 29.78 4.92
CA ILE C 93 -3.38 30.19 4.52
C ILE C 93 -4.27 29.95 5.75
N PRO C 94 -4.92 31.00 6.26
CA PRO C 94 -5.77 30.82 7.44
C PRO C 94 -6.85 29.79 7.17
N TRP C 95 -7.19 29.01 8.19
CA TRP C 95 -8.24 28.01 8.08
C TRP C 95 -9.58 28.72 7.85
N GLY C 96 -10.52 28.03 7.23
CA GLY C 96 -11.83 28.62 7.04
C GLY C 96 -12.46 28.56 8.42
N ASP C 97 -12.23 27.43 9.11
CA ASP C 97 -12.73 27.17 10.45
C ASP C 97 -11.64 26.35 11.17
N ASN C 98 -11.17 26.86 12.29
CA ASN C 98 -10.13 26.20 13.08
C ASN C 98 -10.40 24.79 13.59
N LYS C 99 -11.66 24.44 13.81
CA LYS C 99 -11.95 23.10 14.30
C LYS C 99 -11.41 22.07 13.31
N ASN C 100 -11.20 22.50 12.07
CA ASN C 100 -10.68 21.62 11.03
C ASN C 100 -9.25 21.16 11.22
N GLN C 101 -8.49 21.89 12.04
CA GLN C 101 -7.11 21.52 12.31
C GLN C 101 -7.04 20.05 12.73
N LEU C 102 -7.94 19.66 13.64
CA LEU C 102 -7.97 18.27 14.11
C LEU C 102 -8.12 17.34 12.90
N HIS C 103 -8.99 17.72 11.97
CA HIS C 103 -9.19 16.92 10.77
C HIS C 103 -7.91 16.92 9.94
N GLY C 104 -7.24 18.07 9.88
CA GLY C 104 -5.99 18.17 9.15
C GLY C 104 -4.91 17.29 9.77
N ASP C 105 -4.83 17.23 11.09
CA ASP C 105 -3.83 16.38 11.74
C ASP C 105 -4.14 14.91 11.45
N LYS C 106 -5.42 14.54 11.46
CA LYS C 106 -5.80 13.16 11.21
C LYS C 106 -5.32 12.66 9.85
N LEU C 107 -5.23 13.54 8.84
CA LEU C 107 -4.76 13.13 7.51
C LEU C 107 -3.25 13.11 7.40
N MET C 108 -2.58 14.02 8.10
CA MET C 108 -1.13 14.06 8.06
C MET C 108 -0.55 12.81 8.72
N ALA C 109 -1.27 12.29 9.70
CA ALA C 109 -0.82 11.10 10.42
C ALA C 109 -0.86 9.85 9.53
N PHE C 110 -1.76 9.86 8.54
CA PHE C 110 -1.90 8.75 7.61
C PHE C 110 -0.52 8.36 7.14
N ASP C 111 -0.27 7.05 7.07
CA ASP C 111 1.03 6.55 6.65
C ASP C 111 1.10 6.27 5.17
N THR C 112 1.75 7.17 4.45
CA THR C 112 1.90 7.05 3.02
C THR C 112 2.95 6.00 2.62
N ARG C 113 3.79 5.59 3.58
CA ARG C 113 4.82 4.59 3.29
C ARG C 113 4.41 3.14 3.59
N ALA C 114 3.26 2.94 4.22
CA ALA C 114 2.78 1.60 4.53
C ALA C 114 2.60 0.81 3.23
N PRO C 115 2.64 -0.54 3.31
CA PRO C 115 2.50 -1.48 2.17
C PRO C 115 1.50 -1.12 1.06
N MET C 116 0.23 -1.02 1.40
CA MET C 116 -0.79 -0.67 0.40
C MET C 116 -0.56 0.73 -0.17
N ALA C 117 -0.52 1.72 0.72
CA ALA C 117 -0.36 3.13 0.35
C ALA C 117 0.83 3.42 -0.54
N ALA C 118 1.86 2.59 -0.45
CA ALA C 118 3.05 2.75 -1.27
C ALA C 118 2.75 2.21 -2.65
N GLN C 119 1.78 1.29 -2.73
CA GLN C 119 1.37 0.72 -4.00
C GLN C 119 0.39 1.70 -4.63
N GLY C 120 0.18 2.83 -3.97
CA GLY C 120 -0.77 3.82 -4.45
C GLY C 120 -2.17 3.26 -4.34
N MET C 121 -2.45 2.57 -3.23
CA MET C 121 -3.76 1.98 -3.01
C MET C 121 -4.30 2.19 -1.58
N VAL C 122 -5.62 2.10 -1.46
CA VAL C 122 -6.28 2.29 -0.20
C VAL C 122 -7.52 1.40 -0.18
N GLU C 123 -7.72 0.72 0.93
CA GLU C 123 -8.87 -0.15 1.05
C GLU C 123 -10.10 0.72 1.35
N THR C 124 -11.27 0.27 0.89
CA THR C 124 -12.51 1.00 1.09
C THR C 124 -12.80 1.29 2.55
N ARG C 125 -12.41 0.36 3.42
CA ARG C 125 -12.66 0.51 4.85
C ARG C 125 -11.90 1.72 5.39
N VAL C 126 -10.61 1.77 5.10
CA VAL C 126 -9.79 2.88 5.57
C VAL C 126 -10.37 4.20 5.06
N PHE C 127 -10.58 4.29 3.75
CA PHE C 127 -11.12 5.49 3.12
C PHE C 127 -12.34 6.04 3.83
N LEU C 128 -13.28 5.15 4.17
CA LEU C 128 -14.51 5.57 4.84
C LEU C 128 -14.31 6.11 6.25
N GLN C 129 -13.21 5.71 6.88
CA GLN C 129 -12.88 6.17 8.22
C GLN C 129 -12.34 7.59 8.07
N TYR C 130 -11.68 7.82 6.95
CA TYR C 130 -11.11 9.13 6.65
C TYR C 130 -12.05 10.08 5.95
N LEU C 131 -13.07 9.52 5.29
CA LEU C 131 -14.02 10.33 4.54
C LEU C 131 -14.60 11.53 5.31
N PRO C 132 -15.14 11.30 6.52
CA PRO C 132 -15.70 12.43 7.28
C PRO C 132 -14.69 13.56 7.43
N ALA C 133 -13.43 13.20 7.64
CA ALA C 133 -12.40 14.21 7.82
C ALA C 133 -12.10 14.91 6.49
N ILE C 134 -11.93 14.13 5.43
CA ILE C 134 -11.64 14.68 4.11
C ILE C 134 -12.70 15.69 3.63
N ARG C 135 -13.96 15.32 3.86
CA ARG C 135 -15.11 16.12 3.47
C ARG C 135 -15.18 17.48 4.16
N ALA C 136 -14.88 17.52 5.45
CA ALA C 136 -14.91 18.79 6.15
C ALA C 136 -13.75 19.66 5.67
N LEU C 137 -12.64 19.04 5.37
CA LEU C 137 -11.49 19.79 4.91
C LEU C 137 -11.76 20.44 3.55
N TRP C 138 -12.34 19.66 2.64
CA TRP C 138 -12.66 20.12 1.30
C TRP C 138 -13.68 21.26 1.32
N GLU C 139 -14.37 21.43 2.45
CA GLU C 139 -15.36 22.50 2.61
C GLU C 139 -14.71 23.73 3.24
N ASP C 140 -13.49 23.59 3.70
CA ASP C 140 -12.80 24.71 4.30
C ASP C 140 -12.26 25.57 3.17
N SER C 141 -12.55 26.86 3.26
CA SER C 141 -12.11 27.82 2.27
C SER C 141 -10.58 27.96 2.27
N GLY C 142 -9.95 27.54 3.36
CA GLY C 142 -8.50 27.60 3.47
C GLY C 142 -7.92 26.50 2.58
N ILE C 143 -8.53 25.33 2.62
CA ILE C 143 -8.09 24.22 1.79
C ILE C 143 -8.30 24.62 0.33
N GLN C 144 -9.46 25.20 0.05
CA GLN C 144 -9.79 25.67 -1.29
C GLN C 144 -8.76 26.72 -1.77
N ASN C 145 -8.37 27.64 -0.89
CA ASN C 145 -7.38 28.66 -1.24
C ASN C 145 -6.07 27.94 -1.55
N ALA C 146 -5.76 26.89 -0.81
CA ALA C 146 -4.55 26.12 -1.07
C ALA C 146 -4.65 25.61 -2.49
N TYR C 147 -5.76 24.94 -2.81
CA TYR C 147 -5.97 24.39 -4.15
C TYR C 147 -5.77 25.41 -5.29
N ASP C 148 -6.41 26.57 -5.18
CA ASP C 148 -6.24 27.58 -6.22
C ASP C 148 -4.75 27.92 -6.44
N ARG C 149 -3.91 27.68 -5.43
CA ARG C 149 -2.47 27.98 -5.56
C ARG C 149 -1.62 26.73 -5.77
N ARG C 150 -2.20 25.69 -6.33
CA ARG C 150 -1.50 24.43 -6.58
C ARG C 150 -0.25 24.58 -7.45
N ARG C 151 -0.13 25.68 -8.20
CA ARG C 151 1.04 25.86 -9.04
C ARG C 151 2.27 26.04 -8.16
N GLU C 152 2.07 26.36 -6.89
CA GLU C 152 3.21 26.54 -5.98
C GLU C 152 3.66 25.20 -5.44
N PHE C 153 2.91 24.14 -5.73
CA PHE C 153 3.29 22.81 -5.28
C PHE C 153 2.93 21.69 -6.27
N GLN C 154 3.02 20.44 -5.84
CA GLN C 154 2.76 19.30 -6.72
C GLN C 154 1.42 18.64 -6.42
N LEU C 155 0.47 18.79 -7.32
CA LEU C 155 -0.84 18.21 -7.07
C LEU C 155 -1.61 17.96 -8.35
N GLY C 156 -1.99 16.72 -8.56
CA GLY C 156 -2.75 16.39 -9.75
C GLY C 156 -4.08 17.13 -9.68
N GLU C 157 -4.49 17.68 -10.82
CA GLU C 157 -5.74 18.41 -10.90
C GLU C 157 -6.99 17.54 -10.74
N SER C 158 -6.91 16.27 -11.12
CA SER C 158 -8.07 15.38 -11.00
C SER C 158 -8.52 15.13 -9.58
N VAL C 159 -7.71 15.54 -8.61
CA VAL C 159 -8.08 15.39 -7.21
C VAL C 159 -9.37 16.20 -6.95
N LYS C 160 -9.49 17.35 -7.60
CA LYS C 160 -10.68 18.20 -7.43
C LYS C 160 -11.92 17.46 -7.90
N TYR C 161 -11.79 16.83 -9.06
CA TYR C 161 -12.86 16.07 -9.64
C TYR C 161 -13.33 15.09 -8.58
N PHE C 162 -12.39 14.37 -8.01
CA PHE C 162 -12.70 13.37 -6.99
C PHE C 162 -13.23 13.92 -5.68
N LEU C 163 -12.68 15.02 -5.19
CA LEU C 163 -13.15 15.63 -3.97
C LEU C 163 -14.55 16.27 -4.19
N ASP C 164 -14.90 16.57 -5.45
CA ASP C 164 -16.22 17.15 -5.72
C ASP C 164 -17.24 16.01 -5.91
N ASN C 165 -16.75 14.79 -5.85
CA ASN C 165 -17.64 13.66 -6.01
C ASN C 165 -17.64 12.70 -4.83
N LEU C 166 -17.40 13.25 -3.64
CA LEU C 166 -17.38 12.41 -2.45
C LEU C 166 -18.71 11.72 -2.20
N ASP C 167 -19.80 12.43 -2.45
CA ASP C 167 -21.12 11.83 -2.25
C ASP C 167 -21.17 10.47 -2.94
N LYS C 168 -20.57 10.34 -4.13
CA LYS C 168 -20.64 9.04 -4.79
C LYS C 168 -19.46 8.09 -4.52
N LEU C 169 -18.33 8.60 -4.01
CA LEU C 169 -17.20 7.73 -3.71
C LEU C 169 -17.33 7.23 -2.27
N GLY C 170 -18.00 8.04 -1.43
CA GLY C 170 -18.16 7.72 -0.04
C GLY C 170 -19.40 6.91 0.33
N VAL C 171 -19.63 5.86 -0.46
CA VAL C 171 -20.75 4.96 -0.26
C VAL C 171 -20.13 3.57 -0.27
N PRO C 172 -20.76 2.62 0.42
CA PRO C 172 -20.32 1.23 0.56
C PRO C 172 -20.12 0.43 -0.72
N ASP C 173 -20.98 0.65 -1.71
CA ASP C 173 -20.90 -0.11 -2.96
C ASP C 173 -20.45 0.71 -4.16
N TYR C 174 -19.64 1.73 -3.91
CA TYR C 174 -19.16 2.59 -4.98
C TYR C 174 -18.44 1.84 -6.10
N ILE C 175 -18.91 2.04 -7.33
CA ILE C 175 -18.29 1.41 -8.51
C ILE C 175 -17.84 2.49 -9.50
N PRO C 176 -16.53 2.74 -9.58
CA PRO C 176 -15.99 3.75 -10.50
C PRO C 176 -16.69 3.80 -11.85
N SER C 177 -17.01 5.00 -12.30
CA SER C 177 -17.66 5.17 -13.59
C SER C 177 -16.54 5.17 -14.62
N GLN C 178 -16.89 4.99 -15.89
CA GLN C 178 -15.89 4.99 -16.94
C GLN C 178 -15.10 6.30 -16.92
N GLN C 179 -15.80 7.43 -16.72
CA GLN C 179 -15.15 8.73 -16.65
C GLN C 179 -14.22 8.73 -15.45
N ASP C 180 -14.70 8.14 -14.37
CA ASP C 180 -13.93 8.03 -13.13
C ASP C 180 -12.59 7.36 -13.38
N ILE C 181 -12.60 6.23 -14.11
CA ILE C 181 -11.36 5.50 -14.36
C ILE C 181 -10.37 6.25 -15.25
N LEU C 182 -10.88 7.16 -16.08
CA LEU C 182 -10.00 7.92 -16.96
C LEU C 182 -9.29 8.99 -16.13
N LEU C 183 -9.92 9.42 -15.04
CA LEU C 183 -9.35 10.44 -14.18
C LEU C 183 -8.47 9.88 -13.03
N ALA C 184 -8.63 8.59 -12.73
CA ALA C 184 -7.81 7.94 -11.69
C ALA C 184 -6.33 8.15 -12.04
N ARG C 185 -5.47 8.40 -11.05
CA ARG C 185 -4.06 8.60 -11.34
C ARG C 185 -3.13 7.52 -10.78
N ARG C 186 -2.35 6.93 -11.67
CA ARG C 186 -1.40 5.87 -11.31
C ARG C 186 -0.16 6.04 -12.16
N PRO C 187 0.96 6.45 -11.55
CA PRO C 187 2.19 6.63 -12.32
C PRO C 187 2.58 5.33 -13.01
N THR C 188 3.12 5.49 -14.21
CA THR C 188 3.53 4.36 -15.00
C THR C 188 5.04 4.25 -14.97
N LYS C 189 5.52 3.01 -14.86
CA LYS C 189 6.96 2.75 -14.84
C LYS C 189 7.24 1.62 -15.80
N GLY C 190 8.38 1.67 -16.50
CA GLY C 190 8.69 0.63 -17.45
C GLY C 190 7.93 0.72 -18.77
N ILE C 191 8.07 -0.30 -19.60
CA ILE C 191 7.41 -0.36 -20.91
C ILE C 191 6.15 -1.21 -20.89
N HIS C 192 5.10 -0.75 -21.54
CA HIS C 192 3.85 -1.51 -21.62
C HIS C 192 3.26 -1.46 -23.02
N GLU C 193 2.80 -2.61 -23.50
CA GLU C 193 2.22 -2.71 -24.82
C GLU C 193 0.75 -3.11 -24.80
N TYR C 194 -0.03 -2.46 -25.65
CA TYR C 194 -1.46 -2.75 -25.78
C TYR C 194 -1.80 -2.84 -27.26
N ASP C 195 -2.33 -3.99 -27.66
CA ASP C 195 -2.66 -4.22 -29.06
C ASP C 195 -4.16 -4.25 -29.29
N PHE C 196 -4.58 -3.52 -30.32
CA PHE C 196 -5.98 -3.46 -30.70
C PHE C 196 -5.96 -3.46 -32.22
N GLU C 197 -7.01 -4.00 -32.84
CA GLU C 197 -7.04 -4.06 -34.28
C GLU C 197 -7.87 -2.97 -34.93
N ILE C 198 -7.49 -2.65 -36.16
CA ILE C 198 -8.19 -1.63 -36.92
C ILE C 198 -8.55 -2.21 -38.28
N LYS C 199 -9.63 -2.98 -38.33
CA LYS C 199 -10.06 -3.57 -39.58
C LYS C 199 -8.89 -4.30 -40.23
N ASN C 200 -8.49 -5.39 -39.59
CA ASN C 200 -7.38 -6.22 -40.06
C ASN C 200 -6.03 -5.52 -39.91
N VAL C 201 -6.06 -4.22 -39.58
CA VAL C 201 -4.83 -3.46 -39.41
C VAL C 201 -4.20 -3.71 -38.02
N PRO C 202 -2.96 -4.24 -38.01
CA PRO C 202 -2.20 -4.55 -36.80
C PRO C 202 -1.80 -3.31 -36.01
N PHE C 203 -2.47 -3.06 -34.87
CA PHE C 203 -2.13 -1.91 -34.05
C PHE C 203 -1.57 -2.26 -32.68
N LYS C 204 -0.30 -1.90 -32.46
CA LYS C 204 0.39 -2.13 -31.20
C LYS C 204 0.88 -0.81 -30.61
N MET C 205 0.34 -0.44 -29.46
CA MET C 205 0.72 0.82 -28.83
C MET C 205 1.62 0.66 -27.60
N VAL C 206 2.73 1.39 -27.60
CA VAL C 206 3.69 1.34 -26.50
C VAL C 206 3.60 2.54 -25.55
N ASP C 207 3.14 2.30 -24.33
CA ASP C 207 3.04 3.33 -23.31
C ASP C 207 4.26 3.24 -22.38
N VAL C 208 4.78 4.38 -21.97
CA VAL C 208 5.95 4.40 -21.10
C VAL C 208 5.88 5.49 -20.06
N GLY C 209 6.75 5.41 -19.06
CA GLY C 209 6.78 6.42 -18.03
C GLY C 209 7.49 7.63 -18.59
N GLY C 210 7.06 8.82 -18.17
CA GLY C 210 7.66 10.04 -18.67
C GLY C 210 8.60 10.78 -17.76
N GLN C 211 8.67 10.37 -16.49
CA GLN C 211 9.63 11.02 -15.58
C GLN C 211 11.03 10.85 -16.12
N ARG C 212 11.94 11.72 -15.71
CA ARG C 212 13.32 11.66 -16.16
C ARG C 212 13.96 10.29 -15.94
N SER C 213 13.82 9.73 -14.75
CA SER C 213 14.41 8.43 -14.47
C SER C 213 13.86 7.32 -15.37
N GLU C 214 12.65 7.52 -15.91
CA GLU C 214 12.01 6.53 -16.76
C GLU C 214 12.39 6.63 -18.23
N ARG C 215 13.04 7.74 -18.59
CA ARG C 215 13.40 7.97 -19.97
C ARG C 215 14.53 7.09 -20.48
N LYS C 216 15.31 6.51 -19.58
CA LYS C 216 16.39 5.65 -20.03
C LYS C 216 15.81 4.38 -20.65
N ARG C 217 14.56 4.06 -20.31
CA ARG C 217 13.91 2.88 -20.84
C ARG C 217 13.33 3.05 -22.25
N TRP C 218 13.13 4.31 -22.68
CA TRP C 218 12.57 4.62 -24.00
C TRP C 218 13.33 4.05 -25.19
N PHE C 219 14.66 4.07 -25.13
CA PHE C 219 15.48 3.54 -26.22
C PHE C 219 15.09 2.11 -26.57
N GLU C 220 14.77 1.32 -25.55
CA GLU C 220 14.37 -0.07 -25.73
C GLU C 220 13.26 -0.28 -26.75
N CYS C 221 12.48 0.77 -27.03
CA CYS C 221 11.38 0.65 -27.98
C CYS C 221 11.50 1.53 -29.22
N PHE C 222 12.72 1.92 -29.54
CA PHE C 222 12.96 2.76 -30.71
C PHE C 222 13.14 1.92 -31.97
N ASP C 223 12.32 0.87 -32.12
CA ASP C 223 12.44 0.02 -33.29
C ASP C 223 11.10 -0.35 -33.90
N SER C 224 11.12 -0.65 -35.19
CA SER C 224 9.91 -1.02 -35.93
C SER C 224 8.80 0.00 -35.63
N VAL C 225 9.19 1.24 -35.36
CA VAL C 225 8.21 2.27 -35.07
C VAL C 225 7.59 2.83 -36.35
N THR C 226 6.26 2.88 -36.39
CA THR C 226 5.58 3.41 -37.55
C THR C 226 5.27 4.87 -37.26
N SER C 227 4.76 5.13 -36.06
CA SER C 227 4.41 6.48 -35.67
C SER C 227 4.58 6.77 -34.17
N ILE C 228 4.98 8.02 -33.87
CA ILE C 228 5.16 8.49 -32.51
C ILE C 228 4.08 9.52 -32.15
N LEU C 229 3.36 9.25 -31.07
CA LEU C 229 2.33 10.18 -30.59
C LEU C 229 2.88 10.85 -29.32
N PHE C 230 3.36 12.10 -29.47
CA PHE C 230 3.94 12.86 -28.36
C PHE C 230 2.92 13.71 -27.62
N LEU C 231 2.66 13.37 -26.35
CA LEU C 231 1.69 14.11 -25.54
C LEU C 231 2.35 15.25 -24.76
N VAL C 232 1.61 16.34 -24.60
CA VAL C 232 2.06 17.51 -23.88
C VAL C 232 0.92 18.14 -23.09
N SER C 233 1.15 18.35 -21.80
CA SER C 233 0.15 18.98 -20.97
C SER C 233 0.24 20.48 -21.32
N SER C 234 -0.63 20.95 -22.19
CA SER C 234 -0.58 22.35 -22.59
C SER C 234 -0.98 23.37 -21.50
N SER C 235 -1.56 22.87 -20.41
CA SER C 235 -2.01 23.71 -19.30
C SER C 235 -0.96 23.89 -18.21
N GLU C 236 0.23 23.34 -18.41
CA GLU C 236 1.24 23.41 -17.37
C GLU C 236 2.34 24.44 -17.57
N PHE C 237 2.04 25.48 -18.33
CA PHE C 237 3.03 26.51 -18.55
C PHE C 237 3.42 27.28 -17.24
N ASP C 238 2.58 27.21 -16.21
CA ASP C 238 2.88 27.92 -14.94
C ASP C 238 3.36 26.96 -13.84
N GLN C 239 3.73 25.75 -14.23
CA GLN C 239 4.16 24.74 -13.28
C GLN C 239 5.61 24.27 -13.45
N VAL C 240 6.08 23.57 -12.42
CA VAL C 240 7.42 23.02 -12.44
C VAL C 240 7.39 21.49 -12.28
N LEU C 241 8.46 20.86 -12.74
CA LEU C 241 8.62 19.40 -12.67
C LEU C 241 8.62 18.88 -11.25
N MET C 242 8.13 17.66 -11.10
CA MET C 242 8.13 17.03 -9.81
C MET C 242 9.57 16.49 -9.55
N GLU C 243 10.34 16.28 -10.61
CA GLU C 243 11.71 15.76 -10.46
C GLU C 243 12.65 16.71 -9.73
N ASP C 244 12.49 18.02 -9.94
CA ASP C 244 13.37 18.97 -9.27
C ASP C 244 12.68 20.17 -8.65
N ARG C 245 11.46 20.44 -9.09
CA ARG C 245 10.67 21.57 -8.61
C ARG C 245 11.31 22.91 -8.88
N GLN C 246 11.92 23.05 -10.05
CA GLN C 246 12.58 24.28 -10.45
C GLN C 246 12.38 24.49 -11.93
N THR C 247 12.54 23.41 -12.68
CA THR C 247 12.38 23.47 -14.13
C THR C 247 10.89 23.57 -14.49
N ASN C 248 10.55 24.54 -15.34
CA ASN C 248 9.19 24.77 -15.82
C ASN C 248 8.78 23.55 -16.64
N ARG C 249 7.55 23.08 -16.44
CA ARG C 249 7.07 21.92 -17.17
C ARG C 249 7.00 22.02 -18.69
N LEU C 250 6.62 23.18 -19.22
CA LEU C 250 6.54 23.34 -20.66
C LEU C 250 7.93 23.32 -21.23
N THR C 251 8.87 23.94 -20.51
CA THR C 251 10.26 24.01 -20.90
C THR C 251 10.80 22.59 -21.08
N GLU C 252 10.58 21.77 -20.06
CA GLU C 252 11.03 20.39 -20.10
C GLU C 252 10.40 19.69 -21.31
N SER C 253 9.09 19.90 -21.50
CA SER C 253 8.37 19.29 -22.63
C SER C 253 8.99 19.66 -23.96
N LEU C 254 9.36 20.91 -24.13
CA LEU C 254 9.95 21.34 -25.39
C LEU C 254 11.27 20.64 -25.60
N ASN C 255 12.09 20.56 -24.55
CA ASN C 255 13.40 19.91 -24.63
C ASN C 255 13.34 18.41 -24.92
N ILE C 256 12.38 17.73 -24.32
CA ILE C 256 12.19 16.31 -24.59
C ILE C 256 11.95 16.18 -26.10
N PHE C 257 10.99 16.96 -26.61
CA PHE C 257 10.60 16.95 -28.02
C PHE C 257 11.74 17.26 -28.95
N GLU C 258 12.54 18.25 -28.58
CA GLU C 258 13.69 18.66 -29.40
C GLU C 258 14.56 17.44 -29.69
N THR C 259 14.82 16.65 -28.65
CA THR C 259 15.63 15.44 -28.75
C THR C 259 14.91 14.35 -29.57
N ILE C 260 13.63 14.14 -29.31
CA ILE C 260 12.85 13.13 -30.03
C ILE C 260 12.64 13.48 -31.51
N VAL C 261 12.35 14.74 -31.80
CA VAL C 261 12.09 15.14 -33.18
C VAL C 261 13.30 15.11 -34.11
N ASN C 262 14.50 15.27 -33.57
CA ASN C 262 15.69 15.27 -34.40
C ASN C 262 16.54 14.00 -34.34
N ASN C 263 15.89 12.88 -34.07
CA ASN C 263 16.59 11.61 -33.98
C ASN C 263 16.45 10.85 -35.30
N ARG C 264 17.56 10.73 -36.03
CA ARG C 264 17.58 10.02 -37.31
C ARG C 264 16.76 8.74 -37.25
N VAL C 265 16.86 8.02 -36.13
CA VAL C 265 16.10 6.79 -35.92
C VAL C 265 14.65 6.98 -36.31
N PHE C 266 14.18 8.21 -36.17
CA PHE C 266 12.78 8.56 -36.44
C PHE C 266 12.52 9.33 -37.73
N SER C 267 13.56 9.54 -38.52
CA SER C 267 13.44 10.25 -39.79
C SER C 267 12.49 9.52 -40.77
N ASN C 268 12.12 8.29 -40.42
CA ASN C 268 11.20 7.51 -41.24
C ASN C 268 9.91 7.22 -40.45
N VAL C 269 9.59 8.09 -39.50
CA VAL C 269 8.41 7.91 -38.67
C VAL C 269 7.53 9.17 -38.57
N SER C 270 6.23 8.93 -38.40
CA SER C 270 5.24 9.99 -38.31
C SER C 270 5.11 10.61 -36.92
N ILE C 271 5.76 11.74 -36.69
CA ILE C 271 5.66 12.39 -35.37
C ILE C 271 4.42 13.30 -35.33
N ILE C 272 3.46 12.98 -34.47
CA ILE C 272 2.25 13.77 -34.32
C ILE C 272 2.20 14.37 -32.90
N LEU C 273 1.97 15.67 -32.84
CA LEU C 273 1.95 16.36 -31.57
C LEU C 273 0.58 16.43 -30.96
N PHE C 274 0.49 16.14 -29.68
CA PHE C 274 -0.79 16.24 -29.02
C PHE C 274 -0.68 17.26 -27.90
N LEU C 275 -1.32 18.41 -28.07
CA LEU C 275 -1.32 19.42 -27.00
C LEU C 275 -2.55 19.07 -26.20
N ASN C 276 -2.34 18.19 -25.22
CA ASN C 276 -3.42 17.66 -24.39
C ASN C 276 -3.88 18.58 -23.27
N LYS C 277 -4.87 18.13 -22.52
CA LYS C 277 -5.43 18.90 -21.42
C LYS C 277 -5.91 20.29 -21.84
N THR C 278 -6.51 20.33 -23.03
CA THR C 278 -7.03 21.55 -23.59
C THR C 278 -8.14 22.11 -22.72
N ASP C 279 -8.95 21.24 -22.12
CA ASP C 279 -10.00 21.65 -21.20
C ASP C 279 -9.38 22.39 -20.01
N LEU C 280 -8.27 21.86 -19.49
CA LEU C 280 -7.61 22.53 -18.36
C LEU C 280 -6.93 23.83 -18.80
N LEU C 281 -6.47 23.89 -20.05
CA LEU C 281 -5.85 25.10 -20.56
C LEU C 281 -6.91 26.19 -20.81
N GLU C 282 -8.11 25.77 -21.23
CA GLU C 282 -9.14 26.74 -21.52
C GLU C 282 -9.55 27.45 -20.22
N GLU C 283 -9.61 26.71 -19.11
CA GLU C 283 -9.93 27.35 -17.85
C GLU C 283 -8.73 28.19 -17.37
N LYS C 284 -7.53 27.66 -17.54
CA LYS C 284 -6.35 28.38 -17.07
C LYS C 284 -6.03 29.71 -17.76
N VAL C 285 -6.15 29.79 -19.08
CA VAL C 285 -5.80 31.06 -19.75
C VAL C 285 -6.66 32.20 -19.28
N GLN C 286 -7.71 31.91 -18.53
CA GLN C 286 -8.56 32.98 -18.02
C GLN C 286 -8.05 33.51 -16.68
N VAL C 287 -7.29 32.72 -15.93
CA VAL C 287 -6.82 33.20 -14.63
C VAL C 287 -5.32 33.48 -14.52
N VAL C 288 -4.54 33.02 -15.49
CA VAL C 288 -3.12 33.27 -15.48
C VAL C 288 -2.68 33.67 -16.88
N SER C 289 -1.63 34.48 -16.97
CA SER C 289 -1.10 34.91 -18.25
C SER C 289 0.15 34.09 -18.57
N ILE C 290 0.21 33.52 -19.77
CA ILE C 290 1.38 32.73 -20.13
C ILE C 290 2.56 33.68 -20.36
N LYS C 291 2.26 34.97 -20.44
CA LYS C 291 3.30 35.97 -20.69
C LYS C 291 4.20 36.17 -19.47
N ASP C 292 3.68 35.87 -18.28
CA ASP C 292 4.45 36.01 -17.05
C ASP C 292 5.47 34.91 -16.93
N TYR C 293 5.35 33.90 -17.80
CA TYR C 293 6.27 32.78 -17.76
C TYR C 293 7.10 32.69 -19.01
N PHE C 294 6.50 32.99 -20.15
CA PHE C 294 7.22 32.99 -21.42
C PHE C 294 7.08 34.41 -21.93
N LEU C 295 8.20 35.09 -22.08
CA LEU C 295 8.18 36.46 -22.56
C LEU C 295 8.14 36.51 -24.08
N GLU C 296 8.57 35.44 -24.74
CA GLU C 296 8.54 35.42 -26.19
C GLU C 296 7.09 35.38 -26.68
N PHE C 297 6.14 35.21 -25.76
CA PHE C 297 4.75 35.12 -26.16
C PHE C 297 4.17 36.46 -26.60
N GLU C 298 3.57 36.47 -27.78
CA GLU C 298 2.94 37.68 -28.25
C GLU C 298 1.51 37.30 -28.64
N GLY C 299 0.57 38.19 -28.34
CA GLY C 299 -0.83 37.97 -28.61
C GLY C 299 -1.61 38.24 -27.36
N ASP C 300 -2.85 37.77 -27.30
CA ASP C 300 -3.71 37.98 -26.14
C ASP C 300 -3.63 36.75 -25.22
N PRO C 301 -2.92 36.88 -24.08
CA PRO C 301 -2.70 35.84 -23.07
C PRO C 301 -3.97 35.16 -22.60
N HIS C 302 -5.08 35.89 -22.62
CA HIS C 302 -6.30 35.31 -22.14
C HIS C 302 -7.24 34.82 -23.21
N CYS C 303 -6.69 34.62 -24.40
CA CYS C 303 -7.43 34.09 -25.53
C CYS C 303 -6.84 32.70 -25.86
N LEU C 304 -7.64 31.67 -25.63
CA LEU C 304 -7.22 30.29 -25.85
C LEU C 304 -6.50 30.08 -27.17
N ARG C 305 -7.07 30.58 -28.27
CA ARG C 305 -6.49 30.41 -29.61
C ARG C 305 -5.07 30.97 -29.73
N ASP C 306 -4.84 32.11 -29.07
CA ASP C 306 -3.53 32.74 -29.12
C ASP C 306 -2.47 31.94 -28.37
N VAL C 307 -2.86 31.34 -27.24
CA VAL C 307 -1.94 30.53 -26.45
C VAL C 307 -1.58 29.26 -27.24
N GLN C 308 -2.57 28.60 -27.84
CA GLN C 308 -2.33 27.38 -28.62
C GLN C 308 -1.38 27.58 -29.78
N LYS C 309 -1.61 28.61 -30.59
CA LYS C 309 -0.73 28.87 -31.73
C LYS C 309 0.69 29.15 -31.28
N PHE C 310 0.85 29.71 -30.09
CA PHE C 310 2.18 29.99 -29.55
C PHE C 310 2.82 28.65 -29.15
N LEU C 311 2.05 27.80 -28.48
CA LEU C 311 2.54 26.48 -28.08
C LEU C 311 2.96 25.69 -29.30
N VAL C 312 2.11 25.66 -30.31
CA VAL C 312 2.43 24.91 -31.53
C VAL C 312 3.72 25.41 -32.19
N GLU C 313 3.93 26.73 -32.20
CA GLU C 313 5.13 27.31 -32.81
C GLU C 313 6.40 27.04 -32.03
N CYS C 314 6.30 26.92 -30.70
CA CYS C 314 7.49 26.60 -29.90
C CYS C 314 7.98 25.21 -30.32
N PHE C 315 7.05 24.26 -30.36
CA PHE C 315 7.37 22.91 -30.74
C PHE C 315 7.93 22.82 -32.17
N ARG C 316 7.29 23.50 -33.12
CA ARG C 316 7.76 23.52 -34.51
C ARG C 316 9.21 24.03 -34.62
N GLY C 317 9.56 25.00 -33.79
CA GLY C 317 10.90 25.56 -33.82
C GLY C 317 11.99 24.69 -33.23
N LYS C 318 11.64 23.62 -32.55
CA LYS C 318 12.68 22.77 -31.98
C LYS C 318 13.34 21.93 -33.07
N ARG C 319 12.61 21.74 -34.17
CA ARG C 319 13.13 20.94 -35.28
C ARG C 319 14.28 21.61 -36.01
N ARG C 320 15.36 20.86 -36.22
CA ARG C 320 16.53 21.37 -36.93
C ARG C 320 16.36 21.26 -38.44
N ASP C 321 15.58 20.28 -38.88
CA ASP C 321 15.36 20.09 -40.32
C ASP C 321 13.89 19.86 -40.66
N PRO C 326 5.98 20.64 -41.84
CA PRO C 326 4.83 19.72 -41.77
C PRO C 326 4.66 19.07 -40.40
N LEU C 327 4.41 19.89 -39.37
CA LEU C 327 4.24 19.37 -38.01
C LEU C 327 2.79 19.00 -37.66
N TYR C 328 2.45 17.72 -37.76
CA TYR C 328 1.09 17.26 -37.43
C TYR C 328 0.78 17.49 -35.95
N HIS C 329 -0.40 18.04 -35.67
CA HIS C 329 -0.82 18.30 -34.30
C HIS C 329 -2.32 18.40 -34.12
N HIS C 330 -2.77 18.14 -32.89
CA HIS C 330 -4.18 18.20 -32.49
C HIS C 330 -4.27 18.74 -31.07
N PHE C 331 -5.37 19.40 -30.73
CA PHE C 331 -5.56 19.91 -29.38
C PHE C 331 -6.44 18.88 -28.72
N THR C 332 -5.94 18.24 -27.67
CA THR C 332 -6.70 17.17 -27.05
C THR C 332 -7.11 17.30 -25.59
N THR C 333 -8.07 16.47 -25.24
CA THR C 333 -8.58 16.33 -23.87
C THR C 333 -8.75 14.81 -23.71
N ALA C 334 -7.64 14.16 -23.40
CA ALA C 334 -7.63 12.71 -23.29
C ALA C 334 -8.68 12.08 -22.37
N ILE C 335 -9.29 12.86 -21.47
CA ILE C 335 -10.30 12.27 -20.61
C ILE C 335 -11.65 12.37 -21.28
N ASN C 336 -11.67 12.88 -22.51
CA ASN C 336 -12.94 13.02 -23.27
C ASN C 336 -12.93 12.06 -24.48
N THR C 337 -13.63 10.94 -24.32
CA THR C 337 -13.69 9.91 -25.35
C THR C 337 -13.99 10.41 -26.75
N GLU C 338 -14.99 11.28 -26.85
CA GLU C 338 -15.36 11.83 -28.14
C GLU C 338 -14.22 12.58 -28.78
N ASN C 339 -13.59 13.44 -28.00
CA ASN C 339 -12.48 14.22 -28.52
C ASN C 339 -11.43 13.28 -29.08
N ILE C 340 -11.07 12.28 -28.28
CA ILE C 340 -10.06 11.30 -28.68
C ILE C 340 -10.58 10.40 -29.82
N ARG C 341 -11.87 10.12 -29.83
CA ARG C 341 -12.43 9.30 -30.91
C ARG C 341 -12.10 9.95 -32.28
N LEU C 342 -12.45 11.23 -32.43
CA LEU C 342 -12.21 11.97 -33.68
C LEU C 342 -10.74 12.20 -33.98
N VAL C 343 -9.97 12.52 -32.94
CA VAL C 343 -8.55 12.78 -33.14
C VAL C 343 -7.81 11.54 -33.64
N PHE C 344 -8.05 10.39 -33.02
CA PHE C 344 -7.36 9.20 -33.48
C PHE C 344 -7.89 8.78 -34.83
N ARG C 345 -9.19 9.00 -35.03
CA ARG C 345 -9.81 8.68 -36.30
C ARG C 345 -9.04 9.39 -37.41
N ASP C 346 -8.55 10.58 -37.11
CA ASP C 346 -7.78 11.38 -38.06
C ASP C 346 -6.32 10.94 -38.12
N VAL C 347 -5.80 10.48 -36.98
CA VAL C 347 -4.42 10.04 -36.90
C VAL C 347 -4.29 8.75 -37.71
N LYS C 348 -5.30 7.90 -37.63
CA LYS C 348 -5.33 6.64 -38.35
C LYS C 348 -5.13 6.87 -39.86
N ASP C 349 -5.85 7.85 -40.42
CA ASP C 349 -5.75 8.18 -41.86
C ASP C 349 -4.46 8.91 -42.24
N THR C 350 -3.84 9.55 -41.27
CA THR C 350 -2.60 10.26 -41.54
C THR C 350 -1.44 9.27 -41.49
N ILE C 351 -1.52 8.31 -40.57
CA ILE C 351 -0.46 7.31 -40.46
C ILE C 351 -0.54 6.34 -41.63
N LEU C 352 -1.76 5.95 -42.01
CA LEU C 352 -1.94 5.02 -43.11
C LEU C 352 -1.51 5.61 -44.45
N HIS C 353 -1.66 6.92 -44.62
CA HIS C 353 -1.24 7.56 -45.86
C HIS C 353 0.13 8.19 -45.70
N SER D 35 9.97 21.28 0.63
CA SER D 35 8.85 22.18 1.03
C SER D 35 7.58 21.37 1.31
N ILE D 36 6.53 21.70 0.56
CA ILE D 36 5.25 21.03 0.68
C ILE D 36 5.48 19.64 0.12
N ILE D 37 4.86 18.63 0.75
CA ILE D 37 5.04 17.27 0.26
C ILE D 37 4.34 17.11 -1.07
N GLY D 38 4.82 16.15 -1.87
CA GLY D 38 4.21 15.87 -3.15
C GLY D 38 3.50 14.54 -2.99
N ALA D 39 2.47 14.26 -3.79
CA ALA D 39 1.76 12.98 -3.65
C ALA D 39 2.49 11.81 -4.29
N GLU D 40 3.41 12.11 -5.21
CA GLU D 40 4.15 11.06 -5.88
C GLU D 40 5.64 11.11 -5.53
N ASP D 41 6.00 11.91 -4.52
CA ASP D 41 7.40 12.00 -4.17
C ASP D 41 7.98 10.65 -3.77
N GLU D 42 7.24 9.93 -2.95
CA GLU D 42 7.68 8.62 -2.49
C GLU D 42 7.50 7.54 -3.55
N ASP D 43 7.27 7.96 -4.78
CA ASP D 43 7.09 7.02 -5.87
C ASP D 43 8.31 7.04 -6.75
N PHE D 44 9.11 8.09 -6.64
CA PHE D 44 10.30 8.22 -7.47
C PHE D 44 11.58 8.61 -6.74
N GLU D 45 11.61 8.42 -5.43
CA GLU D 45 12.82 8.74 -4.66
C GLU D 45 14.06 8.18 -5.34
N PHE D 59 30.63 16.05 -18.60
CA PHE D 59 31.01 16.23 -19.99
C PHE D 59 31.23 17.70 -20.31
N GLN D 60 32.18 18.30 -19.61
CA GLN D 60 32.48 19.71 -19.80
C GLN D 60 33.30 20.03 -21.05
N SER D 61 34.57 19.63 -21.05
CA SER D 61 35.43 19.88 -22.19
C SER D 61 35.61 18.63 -23.02
N LEU D 62 36.06 18.79 -24.26
CA LEU D 62 36.29 17.65 -25.11
C LEU D 62 37.50 16.90 -24.56
N GLU D 63 38.50 17.66 -24.09
CA GLU D 63 39.71 17.06 -23.55
C GLU D 63 39.40 16.04 -22.44
N GLN D 64 38.33 16.27 -21.69
CA GLN D 64 37.97 15.35 -20.60
C GLN D 64 37.43 14.02 -21.09
N VAL D 65 36.37 14.06 -21.90
CA VAL D 65 35.75 12.84 -22.41
C VAL D 65 36.54 12.06 -23.47
N LYS D 66 37.49 12.72 -24.13
CA LYS D 66 38.29 12.05 -25.17
C LYS D 66 39.22 10.99 -24.59
N ARG D 67 39.20 10.85 -23.26
CA ARG D 67 40.06 9.89 -22.57
C ARG D 67 39.24 8.84 -21.79
N ARG D 68 37.97 9.14 -21.58
CA ARG D 68 37.07 8.23 -20.89
C ARG D 68 36.33 7.48 -21.99
N PRO D 69 36.74 6.22 -22.27
CA PRO D 69 36.10 5.42 -23.31
C PRO D 69 34.59 5.33 -23.26
N ALA D 70 34.05 4.89 -22.13
CA ALA D 70 32.61 4.75 -22.01
C ALA D 70 31.87 6.09 -22.17
N HIS D 71 32.25 7.07 -21.37
CA HIS D 71 31.62 8.37 -21.43
C HIS D 71 31.66 8.88 -22.87
N LEU D 72 32.74 8.57 -23.60
CA LEU D 72 32.84 9.04 -24.99
C LEU D 72 31.91 8.27 -25.91
N MET D 73 31.66 7.00 -25.60
CA MET D 73 30.74 6.25 -26.44
C MET D 73 29.35 6.88 -26.39
N ALA D 74 28.86 7.16 -25.19
CA ALA D 74 27.54 7.78 -25.01
C ALA D 74 27.46 9.02 -25.85
N LEU D 75 28.46 9.87 -25.71
CA LEU D 75 28.53 11.12 -26.46
C LEU D 75 28.48 10.84 -27.96
N LEU D 76 29.40 10.01 -28.43
CA LEU D 76 29.49 9.66 -29.84
C LEU D 76 28.17 9.13 -30.37
N GLN D 77 27.49 8.33 -29.55
CA GLN D 77 26.22 7.73 -29.91
C GLN D 77 25.10 8.77 -29.90
N HIS D 78 25.33 9.88 -29.20
CA HIS D 78 24.31 10.92 -29.17
C HIS D 78 24.48 11.80 -30.40
N VAL D 79 25.72 12.14 -30.73
CA VAL D 79 25.98 12.99 -31.89
C VAL D 79 25.56 12.31 -33.19
N ALA D 80 25.90 11.04 -33.34
CA ALA D 80 25.57 10.27 -34.53
C ALA D 80 24.08 10.32 -34.87
N LEU D 81 23.23 10.28 -33.86
CA LEU D 81 21.78 10.31 -34.04
C LEU D 81 21.16 11.70 -34.12
N GLN D 82 21.68 12.60 -33.28
CA GLN D 82 21.18 13.97 -33.16
C GLN D 82 21.79 15.00 -34.10
N PHE D 83 23.12 15.03 -34.23
CA PHE D 83 23.74 16.01 -35.11
C PHE D 83 24.57 15.40 -36.22
N GLU D 84 25.65 16.09 -36.55
CA GLU D 84 26.57 15.62 -37.57
C GLU D 84 27.74 14.98 -36.86
N PRO D 85 28.00 13.70 -37.18
CA PRO D 85 29.10 12.95 -36.57
C PRO D 85 30.42 13.51 -37.05
N GLY D 86 30.45 13.93 -38.31
CA GLY D 86 31.66 14.46 -38.90
C GLY D 86 32.61 15.29 -38.05
N PRO D 87 32.22 16.51 -37.67
CA PRO D 87 33.01 17.45 -36.86
C PRO D 87 33.70 16.87 -35.62
N LEU D 88 32.96 16.12 -34.82
CA LEU D 88 33.50 15.52 -33.60
C LEU D 88 34.51 14.40 -33.90
N LEU D 89 34.17 13.53 -34.86
CA LEU D 89 35.07 12.44 -35.23
C LEU D 89 36.38 13.06 -35.72
N CYS D 90 36.27 14.19 -36.43
CA CYS D 90 37.43 14.89 -36.94
C CYS D 90 38.38 15.35 -35.83
N CYS D 91 37.84 15.74 -34.67
CA CYS D 91 38.68 16.19 -33.56
C CYS D 91 39.39 15.05 -32.82
N LEU D 92 38.76 13.87 -32.83
CA LEU D 92 39.30 12.70 -32.17
C LEU D 92 40.46 12.08 -32.98
N HIS D 93 40.30 12.00 -34.29
CA HIS D 93 41.37 11.46 -35.12
C HIS D 93 42.55 12.44 -35.11
N ALA D 94 42.23 13.74 -35.09
CA ALA D 94 43.25 14.77 -35.07
C ALA D 94 44.19 14.55 -33.88
N ASP D 95 43.62 14.59 -32.68
CA ASP D 95 44.39 14.39 -31.46
C ASP D 95 45.12 13.06 -31.58
N MET D 96 44.44 12.08 -32.18
CA MET D 96 45.02 10.76 -32.36
C MET D 96 46.31 10.84 -33.17
N LEU D 97 46.35 11.72 -34.16
CA LEU D 97 47.55 11.94 -34.97
C LEU D 97 48.62 12.48 -34.03
N GLY D 98 48.27 13.53 -33.29
CA GLY D 98 49.22 14.12 -32.35
C GLY D 98 49.84 13.10 -31.42
N ALA D 105 52.51 8.20 -39.63
CA ALA D 105 51.77 9.44 -39.51
C ALA D 105 51.50 10.05 -40.89
N LYS D 106 52.45 9.83 -41.80
CA LYS D 106 52.30 10.34 -43.16
C LYS D 106 51.06 9.71 -43.77
N LYS D 107 50.80 8.45 -43.42
CA LYS D 107 49.66 7.69 -43.89
C LYS D 107 48.40 8.07 -43.12
N ALA D 108 48.50 8.09 -41.80
CA ALA D 108 47.38 8.44 -40.93
C ALA D 108 46.77 9.74 -41.44
N PHE D 109 47.63 10.62 -41.96
CA PHE D 109 47.21 11.90 -42.49
C PHE D 109 46.42 11.77 -43.80
N LEU D 110 46.84 10.84 -44.66
CA LEU D 110 46.16 10.64 -45.94
C LEU D 110 44.73 10.15 -45.70
N ASP D 111 44.56 9.32 -44.67
CA ASP D 111 43.23 8.80 -44.34
C ASP D 111 42.37 9.91 -43.76
N PHE D 112 42.99 10.77 -42.95
CA PHE D 112 42.29 11.91 -42.36
C PHE D 112 41.66 12.69 -43.50
N TYR D 113 42.49 13.06 -44.48
CA TYR D 113 42.06 13.83 -45.65
C TYR D 113 40.95 13.20 -46.48
N HIS D 114 41.11 11.93 -46.85
CA HIS D 114 40.10 11.24 -47.68
C HIS D 114 38.75 11.06 -46.97
N SER D 115 38.75 11.26 -45.66
CA SER D 115 37.54 11.09 -44.85
C SER D 115 37.01 12.40 -44.26
N PHE D 116 37.90 13.39 -44.09
CA PHE D 116 37.53 14.67 -43.48
C PHE D 116 37.87 15.95 -44.28
N LEU D 117 38.53 15.83 -45.42
CA LEU D 117 38.91 17.02 -46.18
C LEU D 117 38.50 17.02 -47.65
N GLU D 118 38.76 15.92 -48.34
CA GLU D 118 38.40 15.84 -49.75
C GLU D 118 36.97 16.34 -49.90
N LYS D 119 36.70 17.02 -51.01
CA LYS D 119 35.39 17.58 -51.29
C LYS D 119 34.27 16.53 -51.19
N THR D 120 34.58 15.29 -51.54
CA THR D 120 33.59 14.22 -51.48
C THR D 120 33.83 13.22 -50.36
N ALA D 121 34.68 13.58 -49.41
CA ALA D 121 34.99 12.70 -48.26
C ALA D 121 33.76 12.51 -47.38
N VAL D 122 33.19 11.31 -47.41
CA VAL D 122 31.99 10.96 -46.66
C VAL D 122 31.76 11.70 -45.34
N LEU D 123 32.82 11.94 -44.58
CA LEU D 123 32.67 12.66 -43.31
C LEU D 123 33.33 14.03 -43.47
N ARG D 124 32.99 14.70 -44.55
CA ARG D 124 33.54 16.01 -44.86
C ARG D 124 33.15 17.00 -43.78
N VAL D 125 34.07 17.87 -43.40
CA VAL D 125 33.79 18.87 -42.40
C VAL D 125 34.06 20.29 -42.93
N PRO D 126 33.51 21.31 -42.27
CA PRO D 126 33.71 22.70 -42.67
C PRO D 126 35.13 23.20 -42.35
N VAL D 127 35.95 23.39 -43.37
CA VAL D 127 37.32 23.86 -43.18
C VAL D 127 37.45 25.33 -43.54
N PRO D 128 38.52 26.00 -43.07
CA PRO D 128 38.75 27.42 -43.36
C PRO D 128 38.79 27.69 -44.86
N PHE D 151 47.56 23.13 -40.87
CA PHE D 151 46.36 22.55 -41.45
C PHE D 151 45.52 21.86 -40.38
N VAL D 152 45.99 20.71 -39.92
CA VAL D 152 45.29 19.95 -38.90
C VAL D 152 44.89 20.84 -37.75
N GLN D 153 45.79 21.74 -37.36
CA GLN D 153 45.54 22.65 -36.24
C GLN D 153 44.51 23.73 -36.57
N GLU D 154 44.24 23.93 -37.86
CA GLU D 154 43.28 24.94 -38.29
C GLU D 154 41.96 24.34 -38.74
N VAL D 155 41.97 23.06 -39.08
CA VAL D 155 40.75 22.36 -39.50
C VAL D 155 39.94 22.05 -38.25
N VAL D 156 40.63 21.60 -37.21
CA VAL D 156 40.02 21.27 -35.94
C VAL D 156 39.54 22.53 -35.23
N GLN D 157 40.34 23.58 -35.35
CA GLN D 157 40.03 24.88 -34.76
C GLN D 157 38.60 25.26 -35.15
N SER D 158 38.33 25.24 -36.45
CA SER D 158 37.01 25.59 -36.97
C SER D 158 35.93 24.53 -36.69
N GLN D 159 36.12 23.75 -35.63
CA GLN D 159 35.15 22.73 -35.27
C GLN D 159 34.57 23.00 -33.88
N GLN D 160 35.28 23.80 -33.09
CA GLN D 160 34.85 24.09 -31.72
C GLN D 160 33.36 24.37 -31.57
N VAL D 161 32.80 25.18 -32.46
CA VAL D 161 31.38 25.48 -32.37
C VAL D 161 30.59 24.18 -32.27
N ALA D 162 30.33 23.56 -33.42
CA ALA D 162 29.58 22.31 -33.48
C ALA D 162 29.82 21.37 -32.31
N VAL D 163 31.08 21.15 -31.97
CA VAL D 163 31.43 20.26 -30.88
C VAL D 163 30.99 20.83 -29.53
N GLY D 164 30.99 22.16 -29.43
CA GLY D 164 30.56 22.79 -28.20
C GLY D 164 29.04 22.69 -28.11
N ARG D 165 28.35 22.98 -29.21
CA ARG D 165 26.90 22.90 -29.22
C ARG D 165 26.49 21.48 -28.87
N GLN D 166 27.15 20.51 -29.51
CA GLN D 166 26.90 19.10 -29.30
C GLN D 166 27.10 18.73 -27.83
N LEU D 167 28.27 19.07 -27.29
CA LEU D 167 28.59 18.80 -25.89
C LEU D 167 27.57 19.46 -24.98
N GLU D 168 27.34 20.75 -25.25
CA GLU D 168 26.37 21.56 -24.51
C GLU D 168 25.04 20.80 -24.49
N ASP D 169 24.57 20.38 -25.67
CA ASP D 169 23.31 19.67 -25.76
C ASP D 169 23.35 18.39 -24.95
N PHE D 170 24.44 17.65 -25.08
CA PHE D 170 24.61 16.39 -24.37
C PHE D 170 24.38 16.52 -22.86
N ARG D 171 25.11 17.43 -22.22
CA ARG D 171 24.93 17.64 -20.76
C ARG D 171 23.46 17.90 -20.45
N SER D 172 22.83 18.77 -21.23
CA SER D 172 21.43 19.11 -21.00
C SER D 172 20.54 17.91 -21.07
N LYS D 173 20.56 17.23 -22.21
CA LYS D 173 19.72 16.08 -22.35
C LYS D 173 20.02 15.03 -21.32
N ARG D 174 21.28 14.99 -20.87
CA ARG D 174 21.64 14.00 -19.86
C ARG D 174 20.94 14.25 -18.53
N LEU D 175 20.89 15.50 -18.08
CA LEU D 175 20.19 15.81 -16.84
C LEU D 175 18.73 15.40 -17.01
N MET D 176 18.29 15.36 -18.26
CA MET D 176 16.92 14.96 -18.61
C MET D 176 16.77 13.45 -18.73
N GLY D 177 17.88 12.73 -18.59
CA GLY D 177 17.85 11.28 -18.68
C GLY D 177 17.55 10.87 -20.11
N MET D 178 17.88 11.74 -21.04
CA MET D 178 17.60 11.51 -22.45
C MET D 178 18.79 11.08 -23.30
N THR D 179 19.91 10.74 -22.66
CA THR D 179 21.13 10.33 -23.37
C THR D 179 21.30 8.83 -23.29
N PRO D 180 22.07 8.25 -24.24
CA PRO D 180 22.32 6.79 -24.30
C PRO D 180 22.98 6.12 -23.10
N TRP D 181 22.56 4.89 -22.84
CA TRP D 181 23.14 4.05 -21.79
C TRP D 181 23.45 4.71 -20.43
N GLU D 182 22.49 5.36 -19.78
CA GLU D 182 22.84 5.98 -18.51
C GLU D 182 23.02 4.97 -17.38
N GLN D 183 22.33 3.84 -17.48
CA GLN D 183 22.42 2.78 -16.48
C GLN D 183 23.86 2.31 -16.38
N GLU D 184 24.49 2.08 -17.53
CA GLU D 184 25.87 1.63 -17.59
C GLU D 184 26.79 2.73 -17.09
N LEU D 185 26.60 3.93 -17.61
CA LEU D 185 27.42 5.07 -17.21
C LEU D 185 27.26 5.32 -15.71
N ALA D 186 26.16 4.85 -15.15
CA ALA D 186 25.88 5.05 -13.73
C ALA D 186 26.69 4.10 -12.83
N GLN D 187 26.68 2.82 -13.14
CA GLN D 187 27.43 1.86 -12.35
C GLN D 187 28.91 2.22 -12.28
N LEU D 188 29.38 2.96 -13.29
CA LEU D 188 30.76 3.40 -13.34
C LEU D 188 30.97 4.61 -12.44
N GLU D 189 30.41 5.75 -12.84
CA GLU D 189 30.53 6.94 -12.01
C GLU D 189 30.05 6.64 -10.60
N ARG D 196 43.28 2.68 -9.44
CA ARG D 196 42.88 3.50 -10.59
C ARG D 196 42.97 2.72 -11.90
N ALA D 197 43.87 1.73 -11.97
CA ALA D 197 44.01 0.93 -13.19
C ALA D 197 42.83 -0.01 -13.29
N SER D 198 42.19 -0.28 -12.17
CA SER D 198 41.05 -1.18 -12.14
C SER D 198 39.81 -0.47 -12.67
N TYR D 199 39.67 0.80 -12.37
CA TYR D 199 38.53 1.56 -12.85
C TYR D 199 38.70 1.72 -14.36
N GLU D 200 39.93 2.03 -14.79
CA GLU D 200 40.24 2.18 -16.22
C GLU D 200 39.97 0.86 -16.91
N ALA D 201 40.08 -0.23 -16.17
CA ALA D 201 39.85 -1.56 -16.71
C ALA D 201 38.35 -1.73 -16.91
N ARG D 202 37.57 -1.34 -15.90
CA ARG D 202 36.12 -1.44 -16.00
C ARG D 202 35.61 -0.57 -17.14
N GLU D 203 36.23 0.61 -17.27
CA GLU D 203 35.88 1.59 -18.30
C GLU D 203 35.98 1.06 -19.72
N ARG D 204 37.05 0.34 -20.00
CA ARG D 204 37.23 -0.20 -21.35
C ARG D 204 36.20 -1.29 -21.57
N HIS D 205 36.02 -2.15 -20.58
CA HIS D 205 35.04 -3.23 -20.69
C HIS D 205 33.62 -2.73 -20.99
N VAL D 206 33.21 -1.65 -20.31
CA VAL D 206 31.88 -1.09 -20.55
C VAL D 206 31.84 -0.48 -21.94
N ALA D 207 32.89 0.26 -22.31
CA ALA D 207 32.93 0.89 -23.62
C ALA D 207 32.93 -0.13 -24.76
N GLU D 208 33.56 -1.28 -24.54
CA GLU D 208 33.62 -2.35 -25.55
C GLU D 208 32.19 -2.73 -25.86
N ARG D 209 31.44 -2.90 -24.80
CA ARG D 209 30.05 -3.29 -24.88
C ARG D 209 29.19 -2.25 -25.62
N LEU D 210 29.38 -0.96 -25.34
CA LEU D 210 28.59 0.06 -26.02
C LEU D 210 29.03 0.20 -27.47
N LEU D 211 30.27 -0.18 -27.76
CA LEU D 211 30.76 -0.07 -29.12
C LEU D 211 30.12 -1.12 -29.99
N MET D 212 29.96 -2.32 -29.44
CA MET D 212 29.33 -3.42 -30.14
C MET D 212 27.89 -3.05 -30.47
N HIS D 213 27.19 -2.47 -29.49
CA HIS D 213 25.80 -2.07 -29.66
C HIS D 213 25.65 -1.03 -30.76
N LEU D 214 26.70 -0.23 -30.95
CA LEU D 214 26.70 0.80 -31.98
C LEU D 214 26.71 0.14 -33.36
N GLU D 215 27.62 -0.82 -33.55
CA GLU D 215 27.77 -1.53 -34.80
C GLU D 215 26.59 -2.46 -35.12
N GLU D 216 26.02 -3.08 -34.10
CA GLU D 216 24.89 -3.98 -34.30
C GLU D 216 23.70 -3.24 -34.87
N MET D 217 23.66 -1.92 -34.66
CA MET D 217 22.57 -1.11 -35.15
C MET D 217 23.03 0.24 -35.65
N GLN D 218 23.85 0.20 -36.70
CA GLN D 218 24.40 1.41 -37.30
C GLN D 218 23.58 1.84 -38.51
N HIS D 219 22.74 0.94 -39.02
CA HIS D 219 21.92 1.25 -40.17
C HIS D 219 20.95 2.36 -39.81
N THR D 220 21.20 2.99 -38.67
CA THR D 220 20.39 4.09 -38.17
C THR D 220 21.24 5.33 -37.90
N ILE D 221 22.54 5.22 -38.16
CA ILE D 221 23.44 6.36 -37.94
C ILE D 221 23.18 7.36 -39.07
N SER D 222 22.73 6.83 -40.19
CA SER D 222 22.39 7.58 -41.39
C SER D 222 21.75 6.58 -42.36
N THR D 223 20.85 7.06 -43.22
CA THR D 223 20.19 6.17 -44.16
C THR D 223 21.18 5.60 -45.17
N ASP D 224 22.18 6.40 -45.56
CA ASP D 224 23.18 5.96 -46.51
C ASP D 224 24.26 5.09 -45.84
N GLU D 225 24.55 3.95 -46.45
CA GLU D 225 25.54 3.01 -45.91
C GLU D 225 26.94 3.59 -45.78
N GLU D 226 27.53 4.02 -46.90
CA GLU D 226 28.89 4.59 -46.87
C GLU D 226 29.10 5.57 -45.72
N LYS D 227 28.09 6.36 -45.42
CA LYS D 227 28.17 7.34 -44.35
C LYS D 227 28.22 6.61 -43.00
N SER D 228 27.28 5.71 -42.79
CA SER D 228 27.21 4.94 -41.55
C SER D 228 28.41 4.02 -41.36
N ALA D 229 28.92 3.49 -42.47
CA ALA D 229 30.08 2.61 -42.40
C ALA D 229 31.32 3.44 -42.11
N ALA D 230 31.37 4.64 -42.67
CA ALA D 230 32.50 5.54 -42.44
C ALA D 230 32.49 6.07 -41.02
N VAL D 231 31.31 6.07 -40.41
CA VAL D 231 31.16 6.56 -39.04
C VAL D 231 31.52 5.50 -38.00
N VAL D 232 31.01 4.28 -38.16
CA VAL D 232 31.34 3.21 -37.23
C VAL D 232 32.87 3.02 -37.27
N ASN D 233 33.40 2.92 -38.49
CA ASN D 233 34.82 2.75 -38.76
C ASN D 233 35.66 3.83 -38.08
N ALA D 234 35.25 5.08 -38.22
CA ALA D 234 35.99 6.18 -37.61
C ALA D 234 35.86 6.08 -36.10
N ILE D 235 34.69 5.67 -35.64
CA ILE D 235 34.49 5.53 -34.20
C ILE D 235 35.35 4.36 -33.75
N GLY D 236 35.21 3.24 -34.45
CA GLY D 236 36.00 2.07 -34.11
C GLY D 236 37.48 2.38 -34.04
N LEU D 237 37.98 3.10 -35.04
CA LEU D 237 39.38 3.45 -35.08
C LEU D 237 39.86 4.27 -33.88
N TYR D 238 39.01 5.14 -33.34
CA TYR D 238 39.44 5.93 -32.20
C TYR D 238 39.43 5.11 -30.90
N MET D 239 38.44 4.24 -30.74
CA MET D 239 38.35 3.40 -29.55
C MET D 239 39.53 2.46 -29.48
N ARG D 240 39.94 1.96 -30.64
CA ARG D 240 41.07 1.06 -30.72
C ARG D 240 42.22 1.78 -30.04
N HIS D 241 42.35 3.06 -30.38
CA HIS D 241 43.39 3.91 -29.82
C HIS D 241 43.27 4.06 -28.29
N LEU D 242 42.08 3.87 -27.75
CA LEU D 242 41.86 3.97 -26.29
C LEU D 242 41.85 2.57 -25.70
N GLY D 243 42.21 1.59 -26.52
CA GLY D 243 42.27 0.22 -26.08
C GLY D 243 40.91 -0.46 -26.03
N VAL D 244 40.02 -0.02 -26.90
CA VAL D 244 38.64 -0.54 -26.99
C VAL D 244 38.40 -1.19 -28.35
N ARG D 245 38.16 -2.49 -28.35
CA ARG D 245 37.91 -3.21 -29.60
C ARG D 245 36.71 -4.12 -29.45
N THR D 246 36.10 -4.50 -30.57
CA THR D 246 34.94 -5.39 -30.57
C THR D 246 35.39 -6.80 -30.91
MG MG E . -12.43 -14.95 30.29
PB GDP F . -14.79 -13.21 28.45
O1B GDP F . -13.96 -12.03 28.61
O2B GDP F . -15.06 -13.52 26.88
O3B GDP F . -14.57 -14.37 29.38
O3A GDP F . -16.20 -12.62 28.94
PA GDP F . -16.92 -12.98 30.31
O1A GDP F . -17.22 -14.43 30.35
O2A GDP F . -15.97 -12.60 31.54
O5' GDP F . -18.29 -12.13 30.37
C5' GDP F . -17.95 -10.71 30.45
C4' GDP F . -19.10 -9.96 31.13
O4' GDP F . -20.33 -10.01 30.34
C3' GDP F . -19.53 -10.51 32.49
O3' GDP F . -19.82 -9.77 33.67
C2' GDP F . -20.56 -11.59 32.07
O2' GDP F . -21.49 -11.81 33.14
C1' GDP F . -21.34 -10.79 31.08
N9 GDP F . -22.05 -11.56 30.09
C8 GDP F . -21.57 -12.59 29.31
N7 GDP F . -22.50 -13.02 28.53
C5 GDP F . -23.63 -12.30 28.75
C6 GDP F . -24.95 -12.29 28.20
O6 GDP F . -25.26 -13.08 27.30
N1 GDP F . -25.85 -11.39 28.69
C2 GDP F . -25.48 -10.51 29.70
N2 GDP F . -26.37 -9.62 30.21
N3 GDP F . -24.26 -10.51 30.19
C4 GDP F . -23.33 -11.36 29.76
AL ALF G . -11.32 -11.88 28.66
F1 ALF G . -12.00 -10.22 28.67
F2 ALF G . -10.82 -13.53 28.85
F3 ALF G . -11.67 -11.82 30.42
F4 ALF G . -11.27 -12.04 26.86
MG MG H . 1.42 6.41 -17.84
PB GDP I . 0.97 10.03 -18.10
O1B GDP I . 1.74 10.32 -16.90
O2B GDP I . 1.59 10.78 -19.40
O3B GDP I . 0.43 8.60 -18.30
O3A GDP I . -0.35 10.85 -17.75
PA GDP I . -1.73 10.18 -17.29
O1A GDP I . -2.29 9.36 -18.36
O2A GDP I . -1.45 9.30 -16.00
O5' GDP I . -2.73 11.40 -16.95
C5' GDP I . -2.19 12.11 -15.80
C4' GDP I . -3.33 12.83 -15.04
O4' GDP I . -3.97 13.88 -15.81
C3' GDP I . -4.47 11.91 -14.65
O3' GDP I . -5.16 11.86 -13.40
C2' GDP I . -5.35 11.93 -15.94
O2' GDP I . -6.71 11.63 -15.60
C1' GDP I . -5.33 13.44 -16.18
N9 GDP I . -5.53 13.86 -17.57
C8 GDP I . -4.96 13.35 -18.71
N7 GDP I . -5.37 14.02 -19.74
C5 GDP I . -6.22 14.99 -19.32
C6 GDP I . -6.97 16.03 -19.98
O6 GDP I . -6.91 16.16 -21.20
N1 GDP I . -7.75 16.87 -19.20
C2 GDP I . -7.81 16.72 -17.83
N2 GDP I . -8.58 17.53 -17.07
N3 GDP I . -7.12 15.78 -17.23
C4 GDP I . -6.33 14.91 -17.93
AL ALF J . 3.81 8.71 -16.14
F1 ALF J . 3.65 10.10 -15.04
F2 ALF J . 3.74 7.31 -17.16
F3 ALF J . 2.59 7.93 -15.10
F4 ALF J . 4.85 9.60 -17.34
#